data_6W5L
#
_entry.id   6W5L
#
_cell.length_a   37.435
_cell.length_b   37.859
_cell.length_c   115.535
_cell.angle_alpha   91.650
_cell.angle_beta   96.440
_cell.angle_gamma   95.440
#
_symmetry.space_group_name_H-M   'P 1'
#
loop_
_entity.id
_entity.type
_entity.pdbx_description
1 polymer '3C-LIKE PROTEASE'
2 non-polymer (2~{S})-~{N}-[(1~{R})-1-[bis($l^{1}-oxidanyl)-methoxy-$l^{5}-sulfanyl]-1-oxidanyl-3-[(3~{R})-2-oxidanylidenepyrrolidin-3-yl]propan-2-yl]-2-[[[2-(3-chlorophenyl)-2-methyl-propoxy]-oxidanylidene-methyl]amino]-4-methyl-pentanamide
3 water water
#
_entity_poly.entity_id   1
_entity_poly.type   'polypeptide(L)'
_entity_poly.pdbx_seq_one_letter_code
;HHHHHHHAPPTLWSRVTKFGSGWGFWVSPTVFITTTHVVPTGVKEFFGEPLSSIAIHQAGEFTQFRFSKKMRPDLTGMVL
EEGCPEGTVCSVLIKRDSGELLPLAVRMGAIASMRIQGRLVHGQSGMLLTGANAKGMDLGTIPGDCGAPYVHKRGNDWVV
CGVHAAATKSGNTVVCAVQAGEGETALE
;
_entity_poly.pdbx_strand_id   A,B,C,D
#
# COMPACT_ATOMS: atom_id res chain seq x y z
N HIS A 7 0.92 -16.49 -0.14
CA HIS A 7 1.86 -17.59 0.22
C HIS A 7 2.52 -18.19 -1.03
N ALA A 8 3.81 -17.96 -1.17
CA ALA A 8 4.53 -18.45 -2.33
C ALA A 8 4.51 -19.98 -2.37
N PRO A 9 4.10 -20.60 -3.48
CA PRO A 9 4.15 -22.07 -3.57
C PRO A 9 5.58 -22.56 -3.52
N PRO A 10 5.80 -23.83 -3.22
CA PRO A 10 7.19 -24.33 -3.22
C PRO A 10 7.88 -24.15 -4.55
N THR A 11 7.19 -24.45 -5.66
CA THR A 11 7.74 -24.23 -6.99
C THR A 11 8.38 -22.84 -7.10
N LEU A 12 7.68 -21.81 -6.63
CA LEU A 12 8.21 -20.45 -6.79
C LEU A 12 9.46 -20.27 -5.95
N TRP A 13 9.45 -20.82 -4.72
CA TRP A 13 10.63 -20.76 -3.89
C TRP A 13 11.81 -21.45 -4.56
N SER A 14 11.55 -22.59 -5.20
CA SER A 14 12.60 -23.32 -5.91
C SER A 14 13.26 -22.49 -6.98
N ARG A 15 12.67 -21.35 -7.37
CA ARG A 15 13.30 -20.51 -8.36
C ARG A 15 14.44 -19.70 -7.76
N VAL A 16 14.42 -19.45 -6.45
CA VAL A 16 15.44 -18.63 -5.82
C VAL A 16 16.69 -19.49 -5.66
N THR A 17 17.80 -19.02 -6.22
CA THR A 17 18.99 -19.81 -6.50
C THR A 17 20.19 -19.08 -5.94
N LYS A 18 20.95 -19.72 -5.07
CA LYS A 18 22.15 -19.08 -4.59
C LYS A 18 23.04 -18.75 -5.79
N PHE A 19 23.70 -17.61 -5.75
CA PHE A 19 24.47 -17.17 -6.91
C PHE A 19 25.39 -16.02 -6.53
N GLY A 20 26.69 -16.24 -6.66
CA GLY A 20 27.65 -15.23 -6.28
C GLY A 20 27.55 -14.90 -4.81
N SER A 21 27.69 -13.63 -4.48
CA SER A 21 27.56 -13.19 -3.11
C SER A 21 26.10 -13.05 -2.67
N GLY A 22 25.17 -13.49 -3.49
CA GLY A 22 23.76 -13.41 -3.15
C GLY A 22 22.92 -14.47 -3.84
N TRP A 23 21.91 -14.00 -4.59
CA TRP A 23 20.87 -14.86 -5.13
C TRP A 23 20.48 -14.40 -6.53
N GLY A 24 19.73 -15.26 -7.21
CA GLY A 24 19.06 -14.92 -8.45
C GLY A 24 17.77 -15.70 -8.50
N PHE A 25 17.00 -15.45 -9.55
CA PHE A 25 15.63 -15.95 -9.66
C PHE A 25 15.36 -16.41 -11.09
N TRP A 26 14.93 -17.67 -11.24
CA TRP A 26 14.54 -18.18 -12.55
C TRP A 26 13.15 -17.66 -12.89
N VAL A 27 13.09 -16.69 -13.81
CA VAL A 27 11.81 -16.22 -14.35
C VAL A 27 11.17 -17.26 -15.24
N SER A 28 11.95 -18.10 -15.87
CA SER A 28 11.44 -19.08 -16.82
C SER A 28 12.52 -20.11 -17.05
N PRO A 29 12.28 -21.13 -17.89
CA PRO A 29 13.33 -22.15 -18.10
C PRO A 29 14.61 -21.57 -18.65
N THR A 30 14.50 -20.35 -19.24
CA THR A 30 15.54 -19.72 -20.05
C THR A 30 16.08 -18.41 -19.48
N VAL A 31 15.48 -17.86 -18.44
CA VAL A 31 15.78 -16.50 -18.02
C VAL A 31 16.04 -16.48 -16.52
N PHE A 32 17.15 -15.86 -16.14
CA PHE A 32 17.64 -15.81 -14.78
C PHE A 32 18.02 -14.39 -14.44
N ILE A 33 17.43 -13.83 -13.38
CA ILE A 33 17.68 -12.43 -13.03
C ILE A 33 18.33 -12.35 -11.66
N THR A 34 19.13 -11.30 -11.47
CA THR A 34 19.84 -11.08 -10.22
C THR A 34 20.32 -9.62 -10.20
N THR A 35 20.97 -9.24 -9.12
CA THR A 35 21.46 -7.88 -8.93
C THR A 35 22.93 -7.80 -9.35
N THR A 36 23.28 -6.75 -10.10
CA THR A 36 24.53 -6.81 -10.85
C THR A 36 25.74 -6.99 -9.94
N HIS A 37 25.71 -6.42 -8.73
CA HIS A 37 26.90 -6.42 -7.90
C HIS A 37 27.13 -7.73 -7.15
N VAL A 38 26.17 -8.68 -7.17
CA VAL A 38 26.46 -10.02 -6.67
C VAL A 38 27.10 -10.90 -7.74
N VAL A 39 26.96 -10.55 -9.02
CA VAL A 39 27.46 -11.42 -10.08
C VAL A 39 28.98 -11.51 -9.99
N PRO A 40 29.56 -12.70 -9.96
CA PRO A 40 31.04 -12.81 -9.93
C PRO A 40 31.62 -12.44 -11.27
N THR A 41 32.76 -11.76 -11.22
CA THR A 41 33.42 -11.29 -12.44
C THR A 41 34.38 -12.34 -12.98
N GLY A 42 34.93 -12.06 -14.16
CA GLY A 42 35.94 -12.91 -14.75
C GLY A 42 35.52 -14.35 -14.95
N VAL A 43 34.23 -14.61 -14.99
CA VAL A 43 33.72 -15.95 -15.22
C VAL A 43 33.53 -16.15 -16.73
N LYS A 44 33.65 -17.41 -17.16
CA LYS A 44 33.37 -17.78 -18.53
C LYS A 44 32.25 -18.80 -18.66
N GLU A 45 31.75 -19.35 -17.55
CA GLU A 45 30.75 -20.41 -17.57
C GLU A 45 29.76 -20.15 -16.44
N PHE A 46 28.54 -19.75 -16.80
CA PHE A 46 27.46 -19.62 -15.84
C PHE A 46 26.56 -20.85 -15.92
N PHE A 47 26.41 -21.56 -14.81
CA PHE A 47 25.59 -22.76 -14.74
C PHE A 47 26.05 -23.79 -15.77
N GLY A 48 27.34 -23.75 -16.10
CA GLY A 48 27.91 -24.67 -17.05
C GLY A 48 27.75 -24.26 -18.48
N GLU A 49 27.24 -23.05 -18.73
CA GLU A 49 27.05 -22.56 -20.07
C GLU A 49 28.06 -21.48 -20.37
N PRO A 50 28.85 -21.62 -21.44
CA PRO A 50 29.84 -20.59 -21.75
C PRO A 50 29.17 -19.29 -22.10
N LEU A 51 29.82 -18.18 -21.71
CA LEU A 51 29.26 -16.86 -21.94
C LEU A 51 28.86 -16.66 -23.40
N SER A 52 29.54 -17.35 -24.33
CA SER A 52 29.19 -17.25 -25.74
C SER A 52 27.77 -17.71 -26.01
N SER A 53 27.18 -18.48 -25.09
CA SER A 53 25.85 -19.05 -25.26
C SER A 53 24.83 -18.40 -24.35
N ILE A 54 25.12 -17.22 -23.83
CA ILE A 54 24.22 -16.50 -22.94
C ILE A 54 24.14 -15.05 -23.39
N ALA A 55 22.93 -14.57 -23.59
CA ALA A 55 22.68 -13.15 -23.80
C ALA A 55 22.50 -12.48 -22.45
N ILE A 56 23.42 -11.58 -22.11
CA ILE A 56 23.52 -10.97 -20.80
C ILE A 56 23.26 -9.48 -20.94
N HIS A 57 22.20 -8.99 -20.30
CA HIS A 57 21.95 -7.55 -20.23
C HIS A 57 22.07 -7.06 -18.79
N GLN A 58 22.71 -5.90 -18.61
CA GLN A 58 23.08 -5.42 -17.28
C GLN A 58 22.99 -3.90 -17.27
N ALA A 59 22.04 -3.37 -16.49
CA ALA A 59 21.87 -1.93 -16.35
C ALA A 59 21.16 -1.60 -15.04
N GLY A 60 21.61 -0.53 -14.39
CA GLY A 60 20.95 -0.05 -13.19
C GLY A 60 20.92 -1.06 -12.05
N GLU A 61 21.93 -1.93 -11.97
CA GLU A 61 22.07 -2.98 -10.97
C GLU A 61 21.13 -4.16 -11.20
N PHE A 62 20.44 -4.21 -12.34
CA PHE A 62 19.57 -5.30 -12.73
C PHE A 62 20.28 -6.08 -13.83
N THR A 63 20.51 -7.37 -13.60
CA THR A 63 21.19 -8.24 -14.56
C THR A 63 20.22 -9.33 -15.01
N GLN A 64 20.17 -9.57 -16.31
CA GLN A 64 19.38 -10.65 -16.87
C GLN A 64 20.25 -11.50 -17.77
N PHE A 65 20.23 -12.82 -17.53
CA PHE A 65 20.78 -13.81 -18.44
C PHE A 65 19.63 -14.48 -19.21
N ARG A 66 19.76 -14.54 -20.54
CA ARG A 66 18.90 -15.37 -21.39
C ARG A 66 19.77 -16.50 -21.92
N PHE A 67 19.45 -17.73 -21.53
CA PHE A 67 20.26 -18.87 -21.92
C PHE A 67 19.82 -19.44 -23.26
N SER A 68 20.73 -20.17 -23.91
CA SER A 68 20.44 -20.80 -25.19
C SER A 68 19.61 -22.06 -25.05
N LYS A 69 19.60 -22.68 -23.86
CA LYS A 69 18.92 -23.94 -23.63
C LYS A 69 18.07 -23.88 -22.38
N LYS A 70 17.15 -24.83 -22.24
CA LYS A 70 16.25 -24.86 -21.09
C LYS A 70 17.02 -25.36 -19.86
N MET A 71 17.33 -24.44 -18.95
CA MET A 71 18.08 -24.77 -17.75
C MET A 71 17.19 -25.28 -16.64
N ARG A 72 15.94 -24.83 -16.60
CA ARG A 72 14.97 -25.26 -15.60
C ARG A 72 13.70 -25.64 -16.34
N PRO A 73 13.73 -26.76 -17.09
CA PRO A 73 12.54 -27.15 -17.88
C PRO A 73 11.31 -27.36 -17.02
N ASP A 74 11.47 -27.64 -15.73
CA ASP A 74 10.32 -27.87 -14.86
C ASP A 74 9.44 -26.63 -14.72
N LEU A 75 9.98 -25.43 -14.93
CA LEU A 75 9.25 -24.22 -14.58
C LEU A 75 8.34 -23.75 -15.69
N THR A 76 7.25 -23.08 -15.31
CA THR A 76 6.51 -22.26 -16.23
C THR A 76 7.16 -20.88 -16.32
N GLY A 77 6.83 -20.15 -17.38
CA GLY A 77 7.32 -18.79 -17.54
C GLY A 77 6.45 -17.82 -16.80
N MET A 78 7.07 -16.96 -16.00
CA MET A 78 6.37 -15.89 -15.29
C MET A 78 6.54 -14.56 -16.03
N VAL A 79 5.62 -13.65 -15.75
CA VAL A 79 5.71 -12.31 -16.33
C VAL A 79 6.70 -11.50 -15.50
N LEU A 80 7.71 -10.94 -16.16
CA LEU A 80 8.61 -9.98 -15.57
C LEU A 80 8.11 -8.58 -15.90
N GLU A 81 8.19 -7.69 -14.93
CA GLU A 81 7.70 -6.34 -15.09
C GLU A 81 8.76 -5.35 -14.64
N GLU A 82 8.73 -4.16 -15.24
CA GLU A 82 9.61 -3.07 -14.88
C GLU A 82 9.01 -2.42 -13.63
N GLY A 83 9.23 -3.07 -12.49
CA GLY A 83 8.67 -2.63 -11.23
C GLY A 83 7.17 -2.92 -11.16
N CYS A 84 6.57 -2.46 -10.07
CA CYS A 84 5.18 -2.71 -9.77
C CYS A 84 4.44 -1.40 -9.54
N PRO A 85 3.11 -1.41 -9.61
CA PRO A 85 2.34 -0.21 -9.30
C PRO A 85 2.64 0.29 -7.89
N GLU A 86 2.73 1.61 -7.76
CA GLU A 86 2.98 2.24 -6.47
C GLU A 86 1.89 1.86 -5.47
N GLY A 87 2.31 1.49 -4.25
CA GLY A 87 1.42 1.05 -3.22
C GLY A 87 1.17 -0.44 -3.19
N THR A 88 1.47 -1.15 -4.26
CA THR A 88 1.29 -2.60 -4.29
C THR A 88 2.09 -3.25 -3.18
N VAL A 89 1.54 -4.33 -2.63
CA VAL A 89 2.24 -5.10 -1.60
C VAL A 89 2.91 -6.28 -2.28
N CYS A 90 4.23 -6.30 -2.21
CA CYS A 90 5.03 -7.39 -2.74
C CYS A 90 5.62 -8.19 -1.58
N SER A 91 5.98 -9.43 -1.89
CA SER A 91 6.80 -10.25 -0.98
C SER A 91 8.20 -10.33 -1.56
N VAL A 92 9.19 -10.08 -0.72
CA VAL A 92 10.57 -10.39 -1.06
C VAL A 92 10.81 -11.83 -0.60
N LEU A 93 11.12 -12.72 -1.54
CA LEU A 93 11.32 -14.13 -1.23
C LEU A 93 12.79 -14.34 -0.87
N ILE A 94 13.09 -14.07 0.40
CA ILE A 94 14.45 -14.21 0.89
C ILE A 94 14.71 -15.67 1.26
N LYS A 95 15.81 -16.21 0.75
CA LYS A 95 16.37 -17.46 1.24
C LYS A 95 17.60 -17.13 2.07
N ARG A 96 17.74 -17.78 3.21
CA ARG A 96 18.98 -17.66 3.97
C ARG A 96 19.84 -18.89 3.68
N ASP A 97 21.15 -18.73 3.88
CA ASP A 97 22.07 -19.87 3.76
C ASP A 97 21.60 -21.05 4.60
N SER A 98 20.95 -20.77 5.73
CA SER A 98 20.48 -21.82 6.62
C SER A 98 19.53 -22.78 5.92
N GLY A 99 18.89 -22.33 4.85
CA GLY A 99 17.75 -23.02 4.28
C GLY A 99 16.44 -22.39 4.67
N GLU A 100 16.47 -21.52 5.66
CA GLU A 100 15.27 -20.81 6.09
C GLU A 100 14.75 -19.91 4.99
N LEU A 101 13.43 -19.84 4.88
CA LEU A 101 12.75 -19.00 3.92
C LEU A 101 12.07 -17.86 4.66
N LEU A 102 12.37 -16.63 4.25
CA LEU A 102 11.91 -15.43 4.96
C LEU A 102 11.20 -14.55 3.94
N PRO A 103 9.92 -14.80 3.67
CA PRO A 103 9.17 -13.92 2.77
C PRO A 103 8.81 -12.64 3.50
N LEU A 104 9.27 -11.50 2.99
CA LEU A 104 9.02 -10.21 3.62
C LEU A 104 8.00 -9.45 2.80
N ALA A 105 6.90 -9.04 3.45
CA ALA A 105 5.90 -8.17 2.82
C ALA A 105 6.40 -6.74 2.79
N VAL A 106 6.17 -6.05 1.66
CA VAL A 106 6.72 -4.72 1.42
C VAL A 106 5.69 -3.87 0.70
N ARG A 107 5.51 -2.64 1.20
CA ARG A 107 4.71 -1.62 0.53
C ARG A 107 5.63 -0.86 -0.43
N MET A 108 5.38 -1.03 -1.71
CA MET A 108 6.24 -0.48 -2.79
C MET A 108 6.01 1.01 -3.04
N GLY A 109 7.08 1.81 -3.08
CA GLY A 109 6.94 3.22 -3.42
C GLY A 109 7.13 3.50 -4.88
N ALA A 110 7.92 4.53 -5.20
CA ALA A 110 8.04 5.00 -6.58
C ALA A 110 9.30 4.47 -7.24
N ILE A 111 9.22 4.26 -8.55
CA ILE A 111 10.41 3.94 -9.32
C ILE A 111 11.23 5.20 -9.47
N ALA A 112 12.53 5.12 -9.20
CA ALA A 112 13.40 6.28 -9.29
C ALA A 112 14.83 5.78 -9.46
N SER A 113 15.61 6.52 -10.23
CA SER A 113 17.04 6.23 -10.32
C SER A 113 17.73 6.77 -9.08
N MET A 114 18.65 5.98 -8.53
CA MET A 114 19.31 6.34 -7.28
C MET A 114 20.80 6.08 -7.39
N ARG A 115 21.54 6.78 -6.53
CA ARG A 115 22.97 6.58 -6.37
C ARG A 115 23.16 5.84 -5.04
N ILE A 116 23.56 4.58 -5.12
CA ILE A 116 23.72 3.74 -3.94
C ILE A 116 25.18 3.30 -3.91
N GLN A 117 25.95 3.91 -3.00
CA GLN A 117 27.36 3.59 -2.84
C GLN A 117 28.10 3.66 -4.18
N GLY A 118 27.76 4.68 -4.96
CA GLY A 118 28.41 4.92 -6.23
C GLY A 118 27.62 4.43 -7.41
N ARG A 119 27.27 3.15 -7.40
CA ARG A 119 26.58 2.56 -8.54
C ARG A 119 25.22 3.22 -8.74
N LEU A 120 24.87 3.42 -10.01
CA LEU A 120 23.55 3.92 -10.36
C LEU A 120 22.55 2.77 -10.34
N VAL A 121 21.40 3.01 -9.72
CA VAL A 121 20.39 1.99 -9.48
C VAL A 121 19.08 2.49 -10.07
N HIS A 122 18.53 1.73 -11.02
CA HIS A 122 17.17 1.96 -11.50
C HIS A 122 16.29 1.16 -10.55
N GLY A 123 15.80 1.82 -9.50
CA GLY A 123 15.25 1.13 -8.35
C GLY A 123 13.79 1.48 -8.11
N GLN A 124 13.21 0.74 -7.16
CA GLN A 124 11.92 1.08 -6.59
C GLN A 124 12.03 0.88 -5.09
N SER A 125 11.72 1.92 -4.32
CA SER A 125 11.79 1.81 -2.87
C SER A 125 10.54 1.08 -2.36
N GLY A 126 10.65 0.60 -1.12
CA GLY A 126 9.53 -0.09 -0.50
C GLY A 126 9.75 -0.14 0.99
N MET A 127 8.67 -0.11 1.73
CA MET A 127 8.71 -0.09 3.19
C MET A 127 8.24 -1.43 3.72
N LEU A 128 9.05 -2.02 4.61
CA LEU A 128 8.73 -3.32 5.16
C LEU A 128 7.57 -3.24 6.14
N LEU A 129 6.63 -4.16 6.02
CA LEU A 129 5.49 -4.20 6.92
C LEU A 129 5.54 -5.44 7.80
N LEU A 139 12.23 -8.48 11.59
CA LEU A 139 12.49 -9.21 10.36
C LEU A 139 13.00 -8.29 9.27
N GLY A 140 14.31 -8.25 9.08
CA GLY A 140 14.92 -7.36 8.12
C GLY A 140 15.80 -8.11 7.12
N THR A 141 16.15 -7.39 6.06
CA THR A 141 17.13 -7.87 5.09
C THR A 141 18.54 -7.61 5.61
N ILE A 142 19.49 -8.35 5.06
CA ILE A 142 20.86 -8.34 5.57
C ILE A 142 21.81 -8.46 4.40
N PRO A 143 23.09 -8.14 4.61
CA PRO A 143 24.10 -8.45 3.59
C PRO A 143 24.00 -9.92 3.16
N GLY A 144 23.93 -10.16 1.86
CA GLY A 144 23.80 -11.49 1.32
C GLY A 144 22.44 -11.77 0.72
N ASP A 145 21.44 -10.96 1.05
CA ASP A 145 20.11 -11.13 0.51
C ASP A 145 19.90 -10.54 -0.88
N CYS A 146 20.88 -9.93 -1.52
CA CYS A 146 20.55 -9.24 -2.76
C CYS A 146 20.45 -10.25 -3.91
N GLY A 147 19.59 -9.91 -4.87
CA GLY A 147 19.11 -10.85 -5.87
C GLY A 147 17.78 -11.48 -5.52
N ALA A 148 17.40 -11.49 -4.25
CA ALA A 148 16.10 -12.04 -3.89
C ALA A 148 15.02 -11.35 -4.70
N PRO A 149 14.04 -12.10 -5.22
CA PRO A 149 13.03 -11.48 -6.08
C PRO A 149 11.92 -10.81 -5.30
N TYR A 150 11.38 -9.74 -5.89
CA TYR A 150 10.18 -9.07 -5.40
C TYR A 150 9.01 -9.51 -6.26
N VAL A 151 8.00 -10.11 -5.65
CA VAL A 151 6.92 -10.75 -6.38
C VAL A 151 5.61 -10.32 -5.76
N HIS A 152 4.56 -10.40 -6.56
CA HIS A 152 3.21 -10.07 -6.11
C HIS A 152 2.28 -10.91 -6.98
N LYS A 153 1.07 -11.12 -6.50
CA LYS A 153 0.12 -11.94 -7.23
C LYS A 153 -0.89 -11.05 -7.94
N ARG A 154 -1.34 -11.52 -9.10
CA ARG A 154 -2.26 -10.78 -9.97
C ARG A 154 -3.25 -11.78 -10.53
N GLY A 155 -4.51 -11.68 -10.11
CA GLY A 155 -5.48 -12.73 -10.39
C GLY A 155 -5.06 -13.96 -9.63
N ASN A 156 -4.60 -15.01 -10.33
CA ASN A 156 -3.84 -16.07 -9.69
C ASN A 156 -2.70 -16.52 -10.61
N ASP A 157 -1.97 -15.54 -11.15
CA ASP A 157 -0.60 -15.72 -11.63
C ASP A 157 0.33 -14.96 -10.69
N TRP A 158 1.56 -15.45 -10.57
CA TRP A 158 2.60 -14.74 -9.82
C TRP A 158 3.44 -13.93 -10.80
N VAL A 159 3.84 -12.73 -10.37
CA VAL A 159 4.64 -11.82 -11.18
C VAL A 159 5.86 -11.38 -10.40
N VAL A 160 7.00 -11.28 -11.07
CA VAL A 160 8.23 -10.75 -10.51
C VAL A 160 8.46 -9.35 -11.07
N CYS A 161 8.88 -8.43 -10.21
CA CYS A 161 9.04 -7.04 -10.61
C CYS A 161 10.40 -6.45 -10.27
N GLY A 162 11.27 -7.19 -9.59
CA GLY A 162 12.60 -6.68 -9.31
C GLY A 162 13.37 -7.63 -8.43
N VAL A 163 14.63 -7.27 -8.21
CA VAL A 163 15.54 -8.07 -7.40
C VAL A 163 16.06 -7.20 -6.27
N HIS A 164 16.25 -7.79 -5.08
CA HIS A 164 16.61 -6.98 -3.93
C HIS A 164 18.01 -6.41 -4.06
N ALA A 165 18.16 -5.11 -3.77
CA ALA A 165 19.43 -4.45 -4.02
C ALA A 165 20.02 -3.66 -2.85
N ALA A 166 19.18 -3.18 -1.93
CA ALA A 166 19.70 -2.34 -0.87
C ALA A 166 18.62 -2.06 0.16
N ALA A 167 19.03 -1.52 1.30
CA ALA A 167 18.10 -1.08 2.31
C ALA A 167 18.70 0.10 3.07
N THR A 168 17.84 0.94 3.61
CA THR A 168 18.28 2.10 4.37
C THR A 168 18.96 1.66 5.67
N LYS A 169 19.68 2.59 6.30
CA LYS A 169 20.35 2.27 7.55
C LYS A 169 19.35 1.80 8.60
N SER A 170 18.16 2.41 8.62
CA SER A 170 17.08 1.89 9.46
C SER A 170 16.78 0.44 9.12
N GLY A 171 16.77 0.10 7.83
CA GLY A 171 16.30 -1.19 7.38
C GLY A 171 14.81 -1.25 7.16
N ASN A 172 14.08 -0.17 7.45
CA ASN A 172 12.64 -0.16 7.26
C ASN A 172 12.27 0.04 5.80
N THR A 173 13.15 0.69 5.04
CA THR A 173 12.97 0.91 3.62
C THR A 173 13.98 0.04 2.87
N VAL A 174 13.49 -0.66 1.85
CA VAL A 174 14.32 -1.50 1.00
C VAL A 174 14.17 -0.99 -0.43
N VAL A 175 15.14 -1.36 -1.27
CA VAL A 175 15.11 -1.03 -2.69
C VAL A 175 15.42 -2.30 -3.47
N CYS A 176 14.59 -2.61 -4.45
CA CYS A 176 14.91 -3.56 -5.50
C CYS A 176 15.30 -2.82 -6.77
N ALA A 177 16.18 -3.44 -7.56
CA ALA A 177 16.44 -2.95 -8.91
C ALA A 177 15.36 -3.49 -9.84
N VAL A 178 15.02 -2.69 -10.84
CA VAL A 178 14.01 -3.07 -11.81
C VAL A 178 14.65 -2.97 -13.19
N GLN A 179 14.00 -3.61 -14.17
CA GLN A 179 14.42 -3.55 -15.56
C GLN A 179 13.75 -2.35 -16.22
N ALA A 180 14.53 -1.57 -16.98
CA ALA A 180 14.02 -0.39 -17.66
C ALA A 180 13.70 -0.69 -19.11
N HIS B 6 -1.94 -34.82 0.27
CA HIS B 6 -1.51 -33.42 0.56
C HIS B 6 -0.22 -33.01 -0.15
N HIS B 7 -0.08 -31.68 -0.27
CA HIS B 7 1.10 -31.04 -0.82
C HIS B 7 2.01 -30.65 0.31
N ALA B 8 3.35 -30.76 0.06
CA ALA B 8 4.23 -30.31 1.14
C ALA B 8 4.33 -28.78 1.10
N PRO B 9 4.26 -28.08 2.25
CA PRO B 9 4.40 -26.60 2.24
C PRO B 9 5.86 -26.19 2.11
N PRO B 10 6.14 -24.92 1.82
CA PRO B 10 7.55 -24.53 1.60
C PRO B 10 8.45 -24.83 2.79
N THR B 11 8.00 -24.54 4.01
CA THR B 11 8.88 -24.74 5.16
C THR B 11 9.30 -26.20 5.30
N LEU B 12 8.48 -27.15 4.81
CA LEU B 12 8.86 -28.56 4.83
C LEU B 12 9.95 -28.85 3.82
N TRP B 13 9.84 -28.26 2.63
CA TRP B 13 10.93 -28.37 1.66
C TRP B 13 12.19 -27.71 2.19
N SER B 14 12.07 -26.59 2.91
CA SER B 14 13.24 -25.90 3.42
C SER B 14 14.01 -26.75 4.43
N ARG B 15 13.40 -27.83 4.92
CA ARG B 15 14.12 -28.73 5.82
C ARG B 15 15.09 -29.63 5.05
N VAL B 16 14.89 -29.81 3.75
CA VAL B 16 15.77 -30.66 2.95
C VAL B 16 17.04 -29.87 2.62
N THR B 17 18.17 -30.44 2.99
CA THR B 17 19.46 -29.73 3.01
C THR B 17 20.50 -30.54 2.27
N LYS B 18 21.22 -29.89 1.36
CA LYS B 18 22.36 -30.53 0.72
C LYS B 18 23.34 -30.98 1.80
N PHE B 19 23.84 -32.21 1.67
CA PHE B 19 24.68 -32.78 2.73
C PHE B 19 25.48 -33.94 2.17
N GLY B 20 26.81 -33.81 2.22
CA GLY B 20 27.66 -34.86 1.68
C GLY B 20 27.33 -35.16 0.22
N SER B 21 27.31 -36.44 -0.11
CA SER B 21 26.95 -36.89 -1.45
C SER B 21 25.45 -36.99 -1.65
N GLY B 22 24.65 -36.40 -0.77
CA GLY B 22 23.22 -36.48 -0.90
C GLY B 22 22.52 -35.36 -0.16
N TRP B 23 21.59 -35.72 0.73
CA TRP B 23 20.78 -34.73 1.41
C TRP B 23 20.53 -35.14 2.85
N GLY B 24 19.94 -34.22 3.62
CA GLY B 24 19.50 -34.49 4.97
C GLY B 24 18.30 -33.64 5.28
N PHE B 25 17.73 -33.89 6.46
CA PHE B 25 16.44 -33.33 6.81
C PHE B 25 16.47 -32.87 8.25
N TRP B 26 16.15 -31.58 8.45
CA TRP B 26 15.99 -30.97 9.78
C TRP B 26 14.64 -31.39 10.34
N VAL B 27 14.65 -32.35 11.26
CA VAL B 27 13.43 -32.75 11.95
C VAL B 27 13.01 -31.71 12.98
N SER B 28 13.97 -30.97 13.52
CA SER B 28 13.73 -29.94 14.51
C SER B 28 14.90 -28.98 14.47
N PRO B 29 14.84 -27.88 15.23
CA PRO B 29 15.98 -26.93 15.23
C PRO B 29 17.31 -27.57 15.60
N THR B 30 17.25 -28.70 16.31
CA THR B 30 18.46 -29.31 16.84
C THR B 30 18.79 -30.67 16.24
N VAL B 31 17.89 -31.32 15.51
CA VAL B 31 18.13 -32.69 15.07
C VAL B 31 18.06 -32.80 13.55
N PHE B 32 19.10 -33.42 12.98
CA PHE B 32 19.32 -33.58 11.56
C PHE B 32 19.41 -35.06 11.27
N ILE B 33 18.71 -35.54 10.24
CA ILE B 33 18.76 -36.95 9.89
C ILE B 33 19.11 -37.10 8.42
N THR B 34 19.82 -38.18 8.13
CA THR B 34 20.30 -38.42 6.79
C THR B 34 20.57 -39.92 6.66
N THR B 35 21.15 -40.30 5.53
CA THR B 35 21.52 -41.68 5.23
C THR B 35 23.02 -41.82 5.42
N THR B 36 23.42 -42.84 6.17
CA THR B 36 24.78 -42.89 6.72
C THR B 36 25.84 -42.85 5.63
N HIS B 37 25.58 -43.45 4.48
CA HIS B 37 26.65 -43.57 3.50
C HIS B 37 26.92 -42.27 2.74
N VAL B 38 26.04 -41.27 2.86
CA VAL B 38 26.32 -39.98 2.24
C VAL B 38 26.99 -39.01 3.20
N VAL B 39 27.20 -39.41 4.46
CA VAL B 39 27.82 -38.52 5.46
C VAL B 39 29.29 -38.35 5.11
N PRO B 40 29.85 -37.14 5.21
CA PRO B 40 31.29 -36.98 4.92
C PRO B 40 32.15 -37.82 5.85
N THR B 41 33.43 -37.93 5.48
CA THR B 41 34.40 -38.75 6.20
C THR B 41 35.44 -37.89 6.87
N GLY B 42 35.95 -38.37 8.01
CA GLY B 42 37.06 -37.75 8.70
C GLY B 42 37.02 -36.23 8.77
N VAL B 43 35.87 -35.68 9.14
CA VAL B 43 35.71 -34.24 9.24
C VAL B 43 35.58 -33.85 10.71
N LYS B 44 35.90 -32.58 10.99
CA LYS B 44 35.95 -32.10 12.36
C LYS B 44 34.69 -31.36 12.81
N GLU B 45 33.84 -30.94 11.87
CA GLU B 45 32.64 -30.20 12.21
C GLU B 45 31.56 -30.52 11.18
N PHE B 46 30.30 -30.41 11.62
CA PHE B 46 29.15 -30.45 10.75
C PHE B 46 28.38 -29.14 10.90
N PHE B 47 28.08 -28.49 9.77
CA PHE B 47 27.37 -27.23 9.79
C PHE B 47 28.09 -26.22 10.68
N GLY B 48 29.41 -26.28 10.71
CA GLY B 48 30.17 -25.40 11.58
C GLY B 48 29.96 -25.62 13.06
N GLU B 49 29.81 -26.88 13.47
CA GLU B 49 29.73 -27.27 14.87
C GLU B 49 30.67 -28.45 15.06
N PRO B 50 31.54 -28.42 16.08
CA PRO B 50 32.50 -29.52 16.24
C PRO B 50 31.82 -30.81 16.68
N LEU B 51 32.47 -31.94 16.35
CA LEU B 51 31.92 -33.24 16.69
C LEU B 51 31.58 -33.34 18.18
N SER B 52 32.34 -32.66 19.04
CA SER B 52 32.09 -32.74 20.47
C SER B 52 30.66 -32.35 20.81
N SER B 53 30.14 -31.31 20.14
CA SER B 53 28.84 -30.75 20.46
C SER B 53 27.69 -31.39 19.68
N ILE B 54 27.89 -32.60 19.16
CA ILE B 54 26.89 -33.27 18.35
C ILE B 54 26.75 -34.69 18.85
N ALA B 55 25.57 -35.02 19.37
CA ALA B 55 25.22 -36.41 19.69
C ALA B 55 24.83 -37.12 18.39
N ILE B 56 25.71 -37.98 17.89
CA ILE B 56 25.49 -38.67 16.62
C ILE B 56 25.12 -40.12 16.91
N HIS B 57 24.05 -40.57 16.28
CA HIS B 57 23.55 -41.93 16.41
C HIS B 57 23.39 -42.49 15.01
N GLN B 58 24.15 -43.54 14.70
CA GLN B 58 24.12 -44.20 13.41
C GLN B 58 23.80 -45.67 13.58
N ALA B 59 23.05 -46.23 12.62
CA ALA B 59 22.73 -47.65 12.60
C ALA B 59 21.80 -48.01 11.45
N GLY B 60 22.11 -49.08 10.74
CA GLY B 60 21.26 -49.54 9.65
C GLY B 60 21.15 -48.57 8.50
N GLU B 61 22.17 -47.73 8.29
CA GLU B 61 22.25 -46.67 7.28
C GLU B 61 21.42 -45.45 7.64
N PHE B 62 20.87 -45.39 8.85
CA PHE B 62 20.15 -44.24 9.34
C PHE B 62 21.04 -43.46 10.30
N THR B 63 21.22 -42.17 10.02
CA THR B 63 22.08 -41.30 10.81
C THR B 63 21.26 -40.17 11.42
N GLN B 64 21.42 -39.95 12.72
CA GLN B 64 20.78 -38.85 13.41
C GLN B 64 21.83 -37.99 14.09
N PHE B 65 21.75 -36.69 13.90
CA PHE B 65 22.57 -35.73 14.62
C PHE B 65 21.68 -34.95 15.57
N ARG B 66 22.16 -34.70 16.79
CA ARG B 66 21.51 -33.80 17.72
C ARG B 66 22.53 -32.74 18.15
N PHE B 67 22.30 -31.50 17.75
CA PHE B 67 23.21 -30.40 18.05
C PHE B 67 22.91 -29.79 19.39
N SER B 68 23.97 -29.32 20.06
CA SER B 68 23.82 -28.61 21.32
C SER B 68 23.33 -27.18 21.12
N LYS B 69 23.00 -26.78 19.90
CA LYS B 69 22.56 -25.41 19.64
C LYS B 69 21.44 -25.43 18.61
N LYS B 70 20.51 -24.49 18.75
CA LYS B 70 19.46 -24.32 17.76
C LYS B 70 20.08 -23.99 16.41
N MET B 71 20.16 -24.98 15.52
CA MET B 71 20.70 -24.75 14.19
C MET B 71 19.65 -24.12 13.28
N ARG B 72 18.41 -24.54 13.39
CA ARG B 72 17.31 -24.06 12.57
C ARG B 72 16.21 -23.60 13.52
N PRO B 73 16.45 -22.53 14.29
CA PRO B 73 15.44 -22.10 15.27
C PRO B 73 14.17 -21.59 14.63
N ASP B 74 14.17 -21.39 13.30
CA ASP B 74 12.95 -21.03 12.57
C ASP B 74 11.98 -22.19 12.48
N LEU B 75 12.45 -23.41 12.72
CA LEU B 75 11.66 -24.61 12.51
C LEU B 75 10.94 -25.07 13.76
N THR B 76 9.71 -25.56 13.59
CA THR B 76 9.04 -26.37 14.59
C THR B 76 9.60 -27.80 14.55
N GLY B 77 9.49 -28.49 15.68
CA GLY B 77 9.83 -29.91 15.72
C GLY B 77 8.68 -30.75 15.18
N MET B 78 9.01 -31.75 14.38
CA MET B 78 8.01 -32.68 13.90
C MET B 78 8.32 -34.07 14.43
N VAL B 79 7.41 -35.00 14.17
CA VAL B 79 7.53 -36.37 14.65
C VAL B 79 8.36 -37.17 13.66
N LEU B 80 9.41 -37.81 14.18
CA LEU B 80 10.16 -38.84 13.47
C LEU B 80 9.58 -40.17 13.91
N GLU B 81 8.88 -40.85 13.00
CA GLU B 81 8.31 -42.15 13.28
C GLU B 81 9.30 -43.26 12.93
N GLU B 82 9.22 -44.36 13.66
CA GLU B 82 10.05 -45.54 13.40
C GLU B 82 9.46 -46.34 12.23
N GLY B 83 9.45 -45.67 11.07
CA GLY B 83 8.77 -46.18 9.90
C GLY B 83 7.35 -45.67 9.79
N CYS B 84 6.69 -46.08 8.72
CA CYS B 84 5.28 -45.78 8.53
C CYS B 84 4.51 -47.10 8.44
N PRO B 85 3.20 -47.08 8.69
CA PRO B 85 2.42 -48.32 8.56
C PRO B 85 2.39 -48.80 7.12
N GLU B 86 2.26 -50.12 6.98
CA GLU B 86 2.12 -50.72 5.66
C GLU B 86 0.94 -50.10 4.93
N GLY B 87 1.08 -49.97 3.62
CA GLY B 87 0.05 -49.41 2.79
C GLY B 87 -0.01 -47.91 2.75
N THR B 88 0.60 -47.23 3.72
CA THR B 88 0.68 -45.78 3.69
C THR B 88 1.31 -45.33 2.37
N VAL B 89 0.69 -44.35 1.73
CA VAL B 89 1.30 -43.66 0.61
C VAL B 89 2.04 -42.46 1.17
N CYS B 90 3.32 -42.33 0.84
CA CYS B 90 4.15 -41.26 1.35
C CYS B 90 4.65 -40.39 0.20
N SER B 91 5.41 -39.35 0.55
CA SER B 91 6.12 -38.54 -0.43
C SER B 91 7.59 -38.53 -0.07
N VAL B 92 8.45 -38.79 -1.04
CA VAL B 92 9.87 -38.57 -0.92
C VAL B 92 10.14 -37.14 -1.42
N LEU B 93 10.67 -36.29 -0.55
CA LEU B 93 10.95 -34.89 -0.89
C LEU B 93 12.30 -34.81 -1.57
N ILE B 94 12.30 -35.08 -2.86
CA ILE B 94 13.51 -35.11 -3.66
C ILE B 94 13.82 -33.69 -4.11
N LYS B 95 14.99 -33.19 -3.72
CA LYS B 95 15.54 -31.96 -4.29
C LYS B 95 16.64 -32.34 -5.27
N ARG B 96 16.64 -31.71 -6.44
CA ARG B 96 17.70 -31.88 -7.42
C ARG B 96 18.62 -30.65 -7.41
N ASP B 97 19.88 -30.88 -7.77
CA ASP B 97 20.89 -29.83 -7.73
C ASP B 97 20.51 -28.64 -8.60
N SER B 98 19.66 -28.84 -9.60
CA SER B 98 19.16 -27.72 -10.38
C SER B 98 18.29 -26.80 -9.56
N GLY B 99 17.80 -27.27 -8.41
CA GLY B 99 16.83 -26.56 -7.61
C GLY B 99 15.43 -27.09 -7.77
N GLU B 100 15.19 -27.96 -8.75
CA GLU B 100 13.86 -28.51 -8.96
C GLU B 100 13.45 -29.38 -7.79
N LEU B 101 12.18 -29.30 -7.42
CA LEU B 101 11.60 -30.15 -6.39
C LEU B 101 10.80 -31.25 -7.07
N LEU B 102 11.02 -32.50 -6.67
CA LEU B 102 10.46 -33.66 -7.34
C LEU B 102 9.87 -34.58 -6.28
N PRO B 103 8.69 -34.25 -5.76
CA PRO B 103 8.05 -35.13 -4.78
C PRO B 103 7.57 -36.40 -5.46
N LEU B 104 8.00 -37.54 -4.93
CA LEU B 104 7.63 -38.84 -5.48
C LEU B 104 6.67 -39.54 -4.53
N ALA B 105 5.45 -39.78 -4.98
CA ALA B 105 4.48 -40.53 -4.19
C ALA B 105 4.86 -42.00 -4.24
N VAL B 106 4.77 -42.66 -3.08
CA VAL B 106 5.25 -44.03 -2.97
C VAL B 106 4.47 -44.72 -1.86
N ARG B 107 3.95 -45.92 -2.18
CA ARG B 107 3.22 -46.73 -1.22
C ARG B 107 4.21 -47.63 -0.50
N MET B 108 4.32 -47.48 0.81
CA MET B 108 5.32 -48.21 1.57
C MET B 108 4.85 -49.64 1.87
N GLY B 109 5.76 -50.59 1.69
CA GLY B 109 5.61 -51.96 2.16
C GLY B 109 6.07 -52.11 3.59
N ALA B 110 6.50 -53.31 3.94
CA ALA B 110 6.77 -53.61 5.34
C ALA B 110 8.24 -53.36 5.69
N ILE B 111 8.48 -53.17 6.99
CA ILE B 111 9.81 -52.93 7.50
C ILE B 111 10.62 -54.22 7.47
N ALA B 112 11.87 -54.12 7.07
CA ALA B 112 12.73 -55.29 7.02
C ALA B 112 14.18 -54.89 6.84
N SER B 113 15.08 -55.47 7.62
CA SER B 113 16.50 -55.28 7.38
C SER B 113 16.96 -56.18 6.24
N MET B 114 18.12 -55.85 5.68
CA MET B 114 18.53 -56.38 4.39
C MET B 114 19.88 -55.80 3.99
N ARG B 115 20.67 -56.55 3.23
CA ARG B 115 22.00 -56.11 2.83
C ARG B 115 21.95 -55.55 1.42
N ILE B 116 22.55 -54.38 1.24
CA ILE B 116 22.55 -53.67 -0.05
C ILE B 116 23.97 -53.19 -0.29
N GLN B 117 24.71 -53.83 -1.20
CA GLN B 117 26.10 -53.49 -1.59
C GLN B 117 27.00 -53.52 -0.37
N GLY B 118 26.77 -54.45 0.54
CA GLY B 118 27.65 -54.66 1.66
C GLY B 118 27.19 -54.04 2.96
N ARG B 119 26.34 -53.03 2.90
CA ARG B 119 25.86 -52.35 4.09
C ARG B 119 24.50 -52.93 4.49
N LEU B 120 24.33 -53.17 5.78
CA LEU B 120 23.05 -53.59 6.31
C LEU B 120 22.17 -52.35 6.51
N VAL B 121 21.01 -52.36 5.86
CA VAL B 121 20.04 -51.28 5.96
C VAL B 121 18.87 -51.80 6.76
N HIS B 122 18.61 -51.18 7.91
CA HIS B 122 17.33 -51.40 8.59
C HIS B 122 16.36 -50.38 8.02
N GLY B 123 15.52 -50.80 7.07
CA GLY B 123 14.66 -49.90 6.34
C GLY B 123 13.37 -50.52 5.85
N GLN B 124 12.82 -49.93 4.80
CA GLN B 124 11.43 -50.11 4.42
C GLN B 124 11.37 -50.01 2.91
N SER B 125 10.58 -50.90 2.31
CA SER B 125 10.40 -50.90 0.87
C SER B 125 9.15 -50.10 0.50
N GLY B 126 9.10 -49.63 -0.74
CA GLY B 126 7.96 -48.88 -1.23
C GLY B 126 7.81 -48.96 -2.72
N MET B 127 6.54 -48.99 -3.17
CA MET B 127 6.19 -48.98 -4.57
C MET B 127 6.10 -47.56 -5.06
N LEU B 128 6.81 -47.27 -6.16
CA LEU B 128 6.71 -45.95 -6.76
C LEU B 128 5.40 -45.84 -7.55
N LEU B 129 4.56 -44.87 -7.21
CA LEU B 129 3.30 -44.66 -7.93
C LEU B 129 3.41 -43.53 -8.96
N LEU B 139 9.41 -39.78 -13.35
CA LEU B 139 10.69 -40.45 -13.24
C LEU B 139 10.91 -40.90 -11.81
N GLY B 140 12.02 -41.61 -11.56
CA GLY B 140 12.32 -42.14 -10.26
C GLY B 140 13.54 -41.49 -9.63
N THR B 141 14.15 -42.22 -8.70
CA THR B 141 15.29 -41.75 -7.93
C THR B 141 16.59 -42.05 -8.66
N ILE B 142 17.65 -41.39 -8.21
CA ILE B 142 18.94 -41.43 -8.90
C ILE B 142 20.06 -41.30 -7.88
N PRO B 143 21.32 -41.56 -8.25
CA PRO B 143 22.43 -41.20 -7.36
C PRO B 143 22.33 -39.74 -6.96
N GLY B 144 22.78 -39.45 -5.74
CA GLY B 144 22.68 -38.12 -5.17
C GLY B 144 21.39 -37.85 -4.43
N ASP B 145 20.36 -38.63 -4.67
CA ASP B 145 19.07 -38.44 -4.02
C ASP B 145 19.01 -39.01 -2.62
N CYS B 146 20.08 -39.66 -2.13
CA CYS B 146 19.99 -40.33 -0.84
C CYS B 146 19.98 -39.31 0.29
N GLY B 147 19.28 -39.67 1.37
CA GLY B 147 19.03 -38.76 2.46
C GLY B 147 17.73 -38.00 2.34
N ALA B 148 17.11 -37.99 1.15
CA ALA B 148 15.83 -37.32 1.01
C ALA B 148 14.81 -37.94 1.96
N PRO B 149 13.93 -37.14 2.58
CA PRO B 149 13.02 -37.69 3.58
C PRO B 149 11.76 -38.29 2.99
N TYR B 150 11.24 -39.28 3.71
CA TYR B 150 9.96 -39.92 3.44
C TYR B 150 8.96 -39.38 4.47
N VAL B 151 7.95 -38.65 4.00
CA VAL B 151 7.00 -38.00 4.89
C VAL B 151 5.57 -38.33 4.49
N HIS B 152 4.67 -38.18 5.43
CA HIS B 152 3.25 -38.28 5.19
C HIS B 152 2.56 -37.40 6.21
N LYS B 153 1.24 -37.31 6.12
CA LYS B 153 0.46 -36.44 6.98
C LYS B 153 -0.50 -37.27 7.82
N ARG B 154 -0.35 -37.19 9.14
CA ARG B 154 -1.32 -37.72 10.10
C ARG B 154 -2.15 -36.54 10.58
N GLY B 155 -3.37 -36.42 10.07
CA GLY B 155 -4.22 -35.30 10.45
C GLY B 155 -3.64 -34.00 9.96
N ASN B 156 -3.58 -33.00 10.86
CA ASN B 156 -3.12 -31.66 10.53
C ASN B 156 -1.65 -31.46 10.83
N ASP B 157 -0.82 -32.48 10.58
CA ASP B 157 0.61 -32.37 10.87
C ASP B 157 1.40 -33.32 9.98
N TRP B 158 2.65 -32.95 9.73
CA TRP B 158 3.54 -33.70 8.86
C TRP B 158 4.48 -34.56 9.69
N VAL B 159 4.74 -35.76 9.20
CA VAL B 159 5.58 -36.74 9.89
C VAL B 159 6.61 -37.24 8.91
N VAL B 160 7.84 -37.39 9.38
CA VAL B 160 8.91 -38.00 8.59
C VAL B 160 9.10 -39.44 9.08
N CYS B 161 9.14 -40.37 8.12
CA CYS B 161 9.16 -41.82 8.34
C CYS B 161 10.53 -42.43 8.17
N GLY B 162 11.39 -41.82 7.36
CA GLY B 162 12.68 -42.40 7.01
C GLY B 162 13.37 -41.55 5.97
N VAL B 163 14.52 -42.04 5.52
CA VAL B 163 15.37 -41.31 4.58
C VAL B 163 15.81 -42.24 3.46
N HIS B 164 15.83 -41.69 2.25
CA HIS B 164 16.07 -42.50 1.05
C HIS B 164 17.46 -43.15 1.09
N ALA B 165 17.49 -44.46 0.81
CA ALA B 165 18.72 -45.24 0.92
C ALA B 165 19.07 -46.05 -0.33
N ALA B 166 18.05 -46.48 -1.07
CA ALA B 166 18.34 -47.34 -2.22
C ALA B 166 17.12 -47.45 -3.10
N ALA B 167 17.34 -47.99 -4.31
CA ALA B 167 16.25 -48.31 -5.21
C ALA B 167 16.64 -49.44 -6.13
N THR B 168 15.64 -50.13 -6.69
CA THR B 168 15.93 -51.29 -7.58
C THR B 168 16.36 -50.81 -8.96
N LYS B 169 17.18 -51.60 -9.69
CA LYS B 169 17.61 -51.25 -11.04
C LYS B 169 16.42 -50.77 -11.87
N SER B 170 15.23 -51.32 -11.60
CA SER B 170 14.02 -50.91 -12.29
C SER B 170 13.62 -49.47 -11.94
N GLY B 171 13.97 -49.02 -10.74
CA GLY B 171 13.51 -47.74 -10.25
C GLY B 171 12.14 -47.72 -9.64
N ASN B 172 11.33 -48.77 -9.82
CA ASN B 172 9.95 -48.74 -9.36
C ASN B 172 9.78 -49.16 -7.90
N THR B 173 10.82 -49.63 -7.23
CA THR B 173 10.77 -49.95 -5.81
C THR B 173 11.93 -49.24 -5.12
N VAL B 174 11.63 -48.59 -4.00
CA VAL B 174 12.61 -47.79 -3.28
C VAL B 174 12.72 -48.30 -1.86
N VAL B 175 13.87 -48.03 -1.23
CA VAL B 175 14.09 -48.35 0.17
C VAL B 175 14.53 -47.09 0.89
N CYS B 176 13.90 -46.80 2.02
CA CYS B 176 14.37 -45.80 2.96
C CYS B 176 14.92 -46.47 4.21
N ALA B 177 15.97 -45.88 4.80
CA ALA B 177 16.40 -46.30 6.12
C ALA B 177 15.45 -45.74 7.16
N VAL B 178 15.28 -46.49 8.24
CA VAL B 178 14.31 -46.14 9.29
C VAL B 178 14.99 -46.30 10.63
N GLN B 179 14.54 -45.51 11.60
CA GLN B 179 15.10 -45.54 12.94
C GLN B 179 14.19 -46.34 13.87
N ALA B 180 14.79 -47.10 14.76
CA ALA B 180 14.05 -47.78 15.81
C ALA B 180 14.46 -47.21 17.17
N HIS C 7 0.20 18.57 4.21
CA HIS C 7 -1.17 19.17 4.37
C HIS C 7 -1.87 19.19 3.02
N ALA C 8 -3.19 19.04 3.03
CA ALA C 8 -3.96 18.82 1.82
C ALA C 8 -4.20 20.15 1.09
N PRO C 9 -4.15 20.14 -0.24
CA PRO C 9 -4.42 21.37 -1.02
C PRO C 9 -5.89 21.77 -0.92
N PRO C 10 -6.19 23.07 -1.13
CA PRO C 10 -7.59 23.50 -1.02
C PRO C 10 -8.54 22.83 -1.98
N THR C 11 -8.11 22.49 -3.20
CA THR C 11 -8.99 21.78 -4.13
C THR C 11 -9.35 20.38 -3.62
N LEU C 12 -8.45 19.74 -2.88
CA LEU C 12 -8.79 18.45 -2.27
C LEU C 12 -9.94 18.62 -1.28
N TRP C 13 -9.90 19.70 -0.50
CA TRP C 13 -11.00 19.97 0.41
C TRP C 13 -12.26 20.33 -0.37
N SER C 14 -12.13 21.04 -1.49
CA SER C 14 -13.32 21.41 -2.26
C SER C 14 -14.09 20.18 -2.70
N ARG C 15 -13.48 19.01 -2.64
CA ARG C 15 -14.15 17.76 -3.01
C ARG C 15 -15.07 17.25 -1.92
N VAL C 16 -14.85 17.62 -0.67
CA VAL C 16 -15.70 17.19 0.43
C VAL C 16 -16.98 18.01 0.41
N THR C 17 -18.12 17.31 0.41
CA THR C 17 -19.39 17.91 0.04
C THR C 17 -20.45 17.50 1.04
N LYS C 18 -21.18 18.47 1.57
CA LYS C 18 -22.25 18.13 2.51
C LYS C 18 -23.32 17.33 1.75
N PHE C 19 -23.74 16.21 2.30
CA PHE C 19 -24.59 15.26 1.60
C PHE C 19 -25.44 14.52 2.63
N GLY C 20 -26.74 14.59 2.45
CA GLY C 20 -27.68 13.95 3.33
C GLY C 20 -27.35 14.15 4.79
N SER C 21 -26.99 13.05 5.44
CA SER C 21 -26.72 13.03 6.87
C SER C 21 -25.25 13.25 7.20
N GLY C 22 -24.41 13.48 6.20
CA GLY C 22 -22.99 13.63 6.46
C GLY C 22 -22.29 14.36 5.34
N TRP C 23 -21.35 13.67 4.70
CA TRP C 23 -20.49 14.26 3.68
C TRP C 23 -20.29 13.25 2.57
N GLY C 24 -19.85 13.76 1.42
CA GLY C 24 -19.40 12.92 0.32
C GLY C 24 -18.17 13.55 -0.30
N PHE C 25 -17.57 12.83 -1.25
CA PHE C 25 -16.29 13.22 -1.82
C PHE C 25 -16.32 12.97 -3.31
N TRP C 26 -16.04 14.03 -4.08
CA TRP C 26 -15.94 13.95 -5.53
C TRP C 26 -14.57 13.38 -5.89
N VAL C 27 -14.55 12.10 -6.24
CA VAL C 27 -13.32 11.46 -6.73
C VAL C 27 -12.94 12.01 -8.09
N SER C 28 -13.90 12.35 -8.90
CA SER C 28 -13.67 12.83 -10.26
C SER C 28 -14.85 13.70 -10.65
N PRO C 29 -14.86 14.30 -11.85
CA PRO C 29 -15.99 15.14 -12.23
C PRO C 29 -17.31 14.38 -12.30
N THR C 30 -17.28 13.06 -12.26
CA THR C 30 -18.50 12.27 -12.39
C THR C 30 -18.69 11.25 -11.28
N VAL C 31 -17.69 10.99 -10.43
CA VAL C 31 -17.78 9.94 -9.42
C VAL C 31 -17.83 10.57 -8.03
N PHE C 32 -18.91 10.27 -7.30
CA PHE C 32 -19.14 10.71 -5.93
C PHE C 32 -19.18 9.49 -5.04
N ILE C 33 -18.48 9.54 -3.91
CA ILE C 33 -18.52 8.44 -2.92
C ILE C 33 -19.00 8.98 -1.59
N THR C 34 -19.75 8.16 -0.87
CA THR C 34 -20.21 8.49 0.47
C THR C 34 -20.44 7.19 1.21
N THR C 35 -20.78 7.31 2.49
CA THR C 35 -21.13 6.18 3.33
C THR C 35 -22.63 5.93 3.24
N THR C 36 -23.02 4.66 3.06
CA THR C 36 -24.40 4.37 2.66
C THR C 36 -25.41 4.93 3.66
N HIS C 37 -25.17 4.77 4.96
CA HIS C 37 -26.22 5.08 5.92
C HIS C 37 -26.50 6.58 6.03
N VAL C 38 -25.73 7.44 5.36
CA VAL C 38 -26.05 8.86 5.31
C VAL C 38 -26.78 9.26 4.02
N VAL C 39 -26.92 8.35 3.07
CA VAL C 39 -27.63 8.69 1.83
C VAL C 39 -29.10 8.95 2.17
N PRO C 40 -29.67 10.09 1.75
CA PRO C 40 -31.08 10.35 2.06
C PRO C 40 -31.97 9.19 1.62
N THR C 41 -33.02 8.95 2.41
CA THR C 41 -33.86 7.77 2.28
C THR C 41 -35.12 8.13 1.51
N GLY C 42 -35.33 7.47 0.36
CA GLY C 42 -36.48 7.75 -0.46
C GLY C 42 -36.28 8.92 -1.39
N VAL C 43 -35.22 8.87 -2.20
CA VAL C 43 -34.81 9.98 -3.03
C VAL C 43 -35.39 9.81 -4.43
N LYS C 44 -35.48 10.93 -5.15
CA LYS C 44 -35.80 10.91 -6.57
C LYS C 44 -34.72 11.55 -7.43
N GLU C 45 -33.87 12.40 -6.88
CA GLU C 45 -32.79 12.99 -7.63
C GLU C 45 -31.64 13.32 -6.68
N PHE C 46 -30.43 13.34 -7.22
CA PHE C 46 -29.21 13.63 -6.47
C PHE C 46 -28.45 14.72 -7.22
N PHE C 47 -28.28 15.88 -6.58
CA PHE C 47 -27.64 17.03 -7.22
C PHE C 47 -28.38 17.43 -8.49
N GLY C 48 -29.70 17.50 -8.39
CA GLY C 48 -30.51 17.86 -9.55
C GLY C 48 -30.33 16.93 -10.73
N GLU C 49 -30.02 15.66 -10.48
CA GLU C 49 -29.92 14.62 -11.47
C GLU C 49 -30.90 13.50 -11.12
N PRO C 50 -31.62 12.94 -12.10
CA PRO C 50 -32.64 11.95 -11.76
C PRO C 50 -32.02 10.62 -11.34
N LEU C 51 -32.66 9.99 -10.35
CA LEU C 51 -32.12 8.74 -9.80
C LEU C 51 -31.73 7.77 -10.90
N SER C 52 -32.50 7.72 -11.98
CA SER C 52 -32.26 6.76 -13.06
C SER C 52 -31.21 7.23 -14.05
N SER C 53 -30.47 8.30 -13.75
CA SER C 53 -29.33 8.72 -14.54
C SER C 53 -28.06 8.71 -13.72
N ILE C 54 -27.98 7.80 -12.75
CA ILE C 54 -26.79 7.61 -11.94
C ILE C 54 -26.54 6.10 -11.82
N ALA C 55 -25.30 5.67 -12.05
CA ALA C 55 -24.90 4.29 -11.80
C ALA C 55 -24.50 4.17 -10.33
N ILE C 56 -25.47 3.80 -9.50
CA ILE C 56 -25.26 3.67 -8.06
C ILE C 56 -24.72 2.28 -7.76
N HIS C 57 -23.73 2.21 -6.87
CA HIS C 57 -23.19 0.97 -6.34
C HIS C 57 -23.15 1.15 -4.83
N GLN C 58 -23.79 0.23 -4.11
CA GLN C 58 -23.80 0.23 -2.66
C GLN C 58 -23.41 -1.15 -2.17
N ALA C 59 -22.47 -1.22 -1.23
CA ALA C 59 -22.08 -2.50 -0.64
C ALA C 59 -21.14 -2.28 0.55
N GLY C 60 -21.47 -2.89 1.69
CA GLY C 60 -20.63 -2.79 2.86
C GLY C 60 -20.54 -1.40 3.43
N GLU C 61 -21.61 -0.61 3.34
CA GLU C 61 -21.68 0.77 3.78
C GLU C 61 -20.91 1.72 2.88
N PHE C 62 -20.38 1.24 1.75
CA PHE C 62 -19.69 2.08 0.77
C PHE C 62 -20.60 2.30 -0.42
N THR C 63 -20.94 3.57 -0.68
CA THR C 63 -21.81 3.95 -1.78
C THR C 63 -21.05 4.81 -2.78
N GLN C 64 -21.11 4.41 -4.05
CA GLN C 64 -20.49 5.16 -5.14
C GLN C 64 -21.56 5.55 -6.15
N PHE C 65 -21.60 6.83 -6.48
CA PHE C 65 -22.42 7.33 -7.58
C PHE C 65 -21.52 7.62 -8.79
N ARG C 66 -21.98 7.25 -9.97
CA ARG C 66 -21.37 7.68 -11.22
C ARG C 66 -22.43 8.40 -12.04
N PHE C 67 -22.19 9.67 -12.35
CA PHE C 67 -23.21 10.52 -12.92
C PHE C 67 -23.14 10.51 -14.44
N SER C 68 -24.26 10.91 -15.07
CA SER C 68 -24.30 11.05 -16.52
C SER C 68 -23.41 12.20 -16.97
N LYS C 69 -23.67 13.40 -16.45
CA LYS C 69 -22.95 14.61 -16.84
C LYS C 69 -21.78 14.87 -15.91
N LYS C 70 -20.83 15.66 -16.41
CA LYS C 70 -19.73 16.15 -15.57
C LYS C 70 -20.32 17.10 -14.52
N MET C 71 -20.29 16.67 -13.25
CA MET C 71 -20.82 17.48 -12.16
C MET C 71 -19.78 18.43 -11.59
N ARG C 72 -18.50 18.12 -11.74
CA ARG C 72 -17.40 18.94 -11.20
C ARG C 72 -16.28 18.90 -12.23
N PRO C 73 -16.51 19.50 -13.41
CA PRO C 73 -15.48 19.46 -14.47
C PRO C 73 -14.24 20.28 -14.15
N ASP C 74 -14.21 20.93 -12.99
CA ASP C 74 -13.05 21.64 -12.50
C ASP C 74 -12.01 20.72 -11.89
N LEU C 75 -12.41 19.51 -11.52
CA LEU C 75 -11.57 18.57 -10.79
C LEU C 75 -10.88 17.60 -11.72
N THR C 76 -9.68 17.20 -11.33
CA THR C 76 -9.00 16.06 -11.93
C THR C 76 -9.50 14.77 -11.26
N GLY C 77 -9.50 13.67 -12.02
CA GLY C 77 -9.80 12.39 -11.41
C GLY C 77 -8.64 11.94 -10.54
N MET C 78 -8.96 11.40 -9.36
CA MET C 78 -7.93 10.82 -8.51
C MET C 78 -8.17 9.33 -8.35
N VAL C 79 -7.18 8.67 -7.77
CA VAL C 79 -7.24 7.23 -7.58
C VAL C 79 -8.11 6.94 -6.37
N LEU C 80 -9.11 6.09 -6.55
CA LEU C 80 -9.85 5.47 -5.46
C LEU C 80 -9.21 4.10 -5.21
N GLU C 81 -8.52 3.96 -4.09
CA GLU C 81 -7.89 2.69 -3.74
C GLU C 81 -8.90 1.75 -3.09
N GLU C 82 -8.54 0.48 -3.07
CA GLU C 82 -9.33 -0.57 -2.42
C GLU C 82 -8.86 -0.71 -0.98
N GLY C 83 -9.18 0.31 -0.19
CA GLY C 83 -8.58 0.43 1.13
C GLY C 83 -7.16 0.94 1.04
N CYS C 84 -6.46 0.98 2.18
CA CYS C 84 -5.08 1.44 2.18
C CYS C 84 -4.19 0.47 2.95
N PRO C 85 -2.92 0.36 2.56
CA PRO C 85 -2.04 -0.63 3.21
C PRO C 85 -1.91 -0.34 4.70
N GLU C 86 -1.69 -1.41 5.46
CA GLU C 86 -1.69 -1.29 6.92
C GLU C 86 -0.56 -0.40 7.38
N GLY C 87 -0.80 0.31 8.48
CA GLY C 87 0.18 1.17 9.10
C GLY C 87 0.39 2.49 8.41
N THR C 88 -0.06 2.65 7.17
CA THR C 88 -0.02 3.95 6.52
C THR C 88 -0.75 4.96 7.38
N VAL C 89 -0.19 6.16 7.50
CA VAL C 89 -0.87 7.26 8.18
C VAL C 89 -1.68 8.03 7.14
N CYS C 90 -2.99 8.10 7.34
CA CYS C 90 -3.87 8.82 6.46
C CYS C 90 -4.54 9.97 7.22
N SER C 91 -5.21 10.83 6.47
CA SER C 91 -5.94 11.96 7.03
C SER C 91 -7.41 11.85 6.67
N VAL C 92 -8.27 11.96 7.68
CA VAL C 92 -9.71 12.08 7.48
C VAL C 92 -10.02 13.56 7.30
N LEU C 93 -10.58 13.93 6.14
CA LEU C 93 -10.84 15.34 5.84
C LEU C 93 -12.20 15.70 6.42
N ILE C 94 -12.21 16.02 7.70
CA ILE C 94 -13.44 16.38 8.39
C ILE C 94 -13.78 17.83 8.09
N LYS C 95 -14.96 18.05 7.53
CA LYS C 95 -15.56 19.36 7.47
C LYS C 95 -16.65 19.43 8.54
N ARG C 96 -16.65 20.50 9.33
CA ARG C 96 -17.69 20.75 10.31
C ARG C 96 -18.65 21.80 9.76
N ASP C 97 -19.89 21.77 10.26
CA ASP C 97 -20.94 22.62 9.73
C ASP C 97 -20.63 24.11 9.86
N SER C 98 -19.74 24.49 10.76
CA SER C 98 -19.31 25.89 10.86
C SER C 98 -18.42 26.30 9.70
N GLY C 99 -17.93 25.34 8.92
CA GLY C 99 -16.90 25.59 7.94
C GLY C 99 -15.52 25.21 8.38
N GLU C 100 -15.35 24.90 9.66
CA GLU C 100 -14.04 24.50 10.15
C GLU C 100 -13.55 23.25 9.43
N LEU C 101 -12.26 23.24 9.12
CA LEU C 101 -11.57 22.07 8.60
C LEU C 101 -10.80 21.40 9.72
N LEU C 102 -10.99 20.10 9.87
CA LEU C 102 -10.44 19.35 11.01
C LEU C 102 -9.82 18.08 10.48
N PRO C 103 -8.66 18.17 9.83
CA PRO C 103 -7.98 16.95 9.35
C PRO C 103 -7.40 16.19 10.52
N LEU C 104 -7.70 14.90 10.60
CA LEU C 104 -7.25 14.05 11.68
C LEU C 104 -6.34 12.96 11.14
N ALA C 105 -5.13 12.86 11.68
CA ALA C 105 -4.18 11.85 11.28
C ALA C 105 -4.54 10.53 11.95
N VAL C 106 -4.42 9.44 11.20
CA VAL C 106 -4.83 8.12 11.68
C VAL C 106 -3.92 7.07 11.06
N ARG C 107 -3.39 6.17 11.88
CA ARG C 107 -2.62 5.02 11.40
C ARG C 107 -3.61 3.89 11.11
N MET C 108 -3.63 3.43 9.87
CA MET C 108 -4.62 2.47 9.41
C MET C 108 -4.22 1.05 9.83
N GLY C 109 -5.22 0.27 10.22
CA GLY C 109 -5.03 -1.13 10.53
C GLY C 109 -5.33 -2.00 9.34
N ALA C 110 -6.07 -3.09 9.56
CA ALA C 110 -6.32 -4.09 8.53
C ALA C 110 -7.74 -3.96 7.99
N ILE C 111 -7.90 -4.32 6.71
CA ILE C 111 -9.23 -4.40 6.12
C ILE C 111 -9.97 -5.60 6.68
N ALA C 112 -11.22 -5.38 7.07
CA ALA C 112 -11.98 -6.45 7.70
C ALA C 112 -13.46 -6.10 7.62
N SER C 113 -14.28 -7.11 7.34
CA SER C 113 -15.72 -6.96 7.47
C SER C 113 -16.12 -7.14 8.92
N MET C 114 -17.14 -6.40 9.34
CA MET C 114 -17.62 -6.46 10.72
C MET C 114 -19.02 -5.86 10.79
N ARG C 115 -19.81 -6.38 11.72
CA ARG C 115 -21.18 -5.91 11.94
C ARG C 115 -21.12 -4.73 12.92
N ILE C 116 -21.64 -3.58 12.49
CA ILE C 116 -21.64 -2.37 13.33
C ILE C 116 -23.07 -1.86 13.38
N GLN C 117 -23.72 -2.01 14.53
CA GLN C 117 -25.11 -1.61 14.72
C GLN C 117 -26.01 -2.26 13.67
N GLY C 118 -25.79 -3.55 13.44
CA GLY C 118 -26.61 -4.31 12.53
C GLY C 118 -26.12 -4.33 11.10
N ARG C 119 -25.68 -3.18 10.59
CA ARG C 119 -25.18 -3.12 9.22
C ARG C 119 -23.82 -3.80 9.14
N LEU C 120 -23.58 -4.51 8.03
CA LEU C 120 -22.28 -5.08 7.73
C LEU C 120 -21.44 -4.02 7.05
N VAL C 121 -20.21 -3.86 7.50
CA VAL C 121 -19.31 -2.83 7.03
C VAL C 121 -18.07 -3.51 6.49
N HIS C 122 -17.83 -3.37 5.19
CA HIS C 122 -16.58 -3.83 4.61
C HIS C 122 -15.65 -2.63 4.66
N GLY C 123 -14.76 -2.62 5.63
CA GLY C 123 -13.99 -1.43 5.92
C GLY C 123 -12.70 -1.75 6.59
N GLN C 124 -12.23 -0.78 7.39
CA GLN C 124 -10.85 -0.74 7.85
C GLN C 124 -10.81 0.13 9.08
N SER C 125 -10.19 -0.37 10.14
CA SER C 125 -10.00 0.37 11.37
C SER C 125 -8.69 1.14 11.34
N GLY C 126 -8.57 2.14 12.23
CA GLY C 126 -7.34 2.88 12.38
C GLY C 126 -7.31 3.57 13.71
N MET C 127 -6.10 3.80 14.22
CA MET C 127 -5.91 4.48 15.50
C MET C 127 -5.75 5.98 15.26
N LEU C 128 -6.44 6.77 16.07
CA LEU C 128 -6.33 8.23 16.01
C LEU C 128 -5.02 8.66 16.65
N LEU C 129 -4.15 9.28 15.87
CA LEU C 129 -2.92 9.83 16.41
C LEU C 129 -3.14 11.23 16.99
N LEU C 139 -11.83 16.87 19.99
CA LEU C 139 -10.83 16.73 18.93
C LEU C 139 -10.89 15.36 18.28
N GLY C 140 -12.09 14.76 18.23
CA GLY C 140 -12.30 13.50 17.57
C GLY C 140 -13.45 13.53 16.59
N THR C 141 -13.90 12.37 16.12
CA THR C 141 -15.01 12.28 15.17
C THR C 141 -16.34 12.24 15.91
N ILE C 142 -17.38 12.76 15.26
CA ILE C 142 -18.69 12.90 15.87
C ILE C 142 -19.79 12.49 14.90
N PRO C 143 -21.04 12.38 15.35
CA PRO C 143 -22.13 12.08 14.41
C PRO C 143 -22.39 13.26 13.49
N GLY C 144 -22.47 12.98 12.19
CA GLY C 144 -22.47 14.01 11.17
C GLY C 144 -21.18 14.07 10.40
N ASP C 145 -20.14 13.39 10.87
CA ASP C 145 -18.86 13.30 10.18
C ASP C 145 -18.79 12.18 9.16
N CYS C 146 -19.81 11.33 9.07
CA CYS C 146 -19.73 10.16 8.19
C CYS C 146 -19.76 10.57 6.73
N GLY C 147 -19.01 9.83 5.92
CA GLY C 147 -18.79 10.19 4.55
C GLY C 147 -17.53 10.99 4.30
N ALA C 148 -16.92 11.53 5.35
CA ALA C 148 -15.67 12.25 5.17
C ALA C 148 -14.65 11.32 4.55
N PRO C 149 -13.82 11.79 3.63
CA PRO C 149 -12.87 10.88 2.97
C PRO C 149 -11.62 10.65 3.81
N TYR C 150 -11.11 9.43 3.70
CA TYR C 150 -9.81 9.04 4.18
C TYR C 150 -8.85 9.06 3.00
N VAL C 151 -7.81 9.88 3.07
CA VAL C 151 -6.89 10.08 1.96
C VAL C 151 -5.46 10.00 2.46
N HIS C 152 -4.54 9.72 1.54
CA HIS C 152 -3.12 9.81 1.81
C HIS C 152 -2.44 10.28 0.54
N LYS C 153 -1.23 10.78 0.69
CA LYS C 153 -0.44 11.20 -0.46
C LYS C 153 0.42 10.03 -0.89
N ARG C 154 0.21 9.54 -2.12
CA ARG C 154 0.95 8.41 -2.68
C ARG C 154 1.93 8.97 -3.71
N GLY C 155 3.16 9.23 -3.27
CA GLY C 155 4.13 9.85 -4.12
C GLY C 155 3.80 11.28 -4.48
N ASN C 156 3.62 11.54 -5.78
CA ASN C 156 3.41 12.90 -6.28
C ASN C 156 1.96 13.36 -6.22
N ASP C 157 1.02 12.47 -5.89
CA ASP C 157 -0.39 12.82 -5.97
C ASP C 157 -1.14 12.24 -4.77
N TRP C 158 -2.34 12.78 -4.54
CA TRP C 158 -3.21 12.33 -3.46
C TRP C 158 -4.11 11.19 -3.94
N VAL C 159 -4.45 10.30 -3.02
CA VAL C 159 -5.39 9.23 -3.31
C VAL C 159 -6.33 9.08 -2.12
N VAL C 160 -7.56 8.71 -2.41
CA VAL C 160 -8.55 8.41 -1.38
C VAL C 160 -8.74 6.90 -1.32
N CYS C 161 -8.92 6.40 -0.10
CA CYS C 161 -9.01 4.97 0.15
C CYS C 161 -10.22 4.52 0.94
N GLY C 162 -11.01 5.44 1.49
CA GLY C 162 -12.19 5.06 2.26
C GLY C 162 -12.99 6.28 2.69
N VAL C 163 -14.17 6.01 3.24
CA VAL C 163 -15.09 7.03 3.71
C VAL C 163 -15.48 6.73 5.15
N HIS C 164 -15.51 7.77 5.99
CA HIS C 164 -15.72 7.55 7.42
C HIS C 164 -17.08 6.93 7.67
N ALA C 165 -17.08 5.85 8.44
CA ALA C 165 -18.29 5.08 8.73
C ALA C 165 -18.64 4.99 10.20
N ALA C 166 -17.66 4.94 11.09
CA ALA C 166 -17.97 4.71 12.50
C ALA C 166 -16.76 5.02 13.35
N ALA C 167 -16.97 5.02 14.66
CA ALA C 167 -15.90 5.18 15.63
C ALA C 167 -16.35 4.58 16.96
N THR C 168 -15.40 4.48 17.89
CA THR C 168 -15.71 4.02 19.24
C THR C 168 -16.50 5.10 19.99
N ASN C 172 -11.12 7.09 19.67
CA ASN C 172 -9.75 6.60 19.57
C ASN C 172 -9.54 5.66 18.38
N THR C 173 -10.52 4.81 18.11
CA THR C 173 -10.49 3.92 16.94
C THR C 173 -11.62 4.33 16.00
N VAL C 174 -11.27 4.56 14.73
CA VAL C 174 -12.20 4.99 13.70
C VAL C 174 -12.31 3.91 12.65
N VAL C 175 -13.48 3.83 12.01
CA VAL C 175 -13.72 2.89 10.91
C VAL C 175 -14.14 3.66 9.66
N CYS C 176 -13.49 3.35 8.54
CA CYS C 176 -13.98 3.76 7.23
C CYS C 176 -14.38 2.53 6.42
N ALA C 177 -15.39 2.71 5.56
CA ALA C 177 -15.73 1.68 4.60
C ALA C 177 -14.79 1.77 3.40
N VAL C 178 -14.69 0.65 2.69
CA VAL C 178 -13.79 0.51 1.55
C VAL C 178 -14.53 -0.19 0.43
N GLN C 179 -14.02 -0.01 -0.78
CA GLN C 179 -14.60 -0.59 -1.97
C GLN C 179 -13.65 -1.65 -2.52
N ALA C 180 -14.18 -2.81 -2.84
CA ALA C 180 -13.39 -3.86 -3.48
C ALA C 180 -13.83 -3.96 -4.94
N HIS D 6 1.48 33.38 -4.71
CA HIS D 6 0.73 33.58 -3.44
C HIS D 6 -0.60 32.82 -3.46
N HIS D 7 -0.56 31.58 -3.00
CA HIS D 7 -1.70 30.68 -3.06
C HIS D 7 -2.37 30.59 -1.70
N ALA D 8 -3.69 30.68 -1.69
CA ALA D 8 -4.45 30.72 -0.44
C ALA D 8 -4.45 29.36 0.24
N PRO D 9 -4.21 29.28 1.54
CA PRO D 9 -4.25 27.99 2.24
C PRO D 9 -5.68 27.54 2.48
N PRO D 10 -5.86 26.27 2.83
CA PRO D 10 -7.25 25.78 3.04
C PRO D 10 -8.00 26.53 4.14
N THR D 11 -7.38 26.77 5.30
CA THR D 11 -8.08 27.49 6.36
C THR D 11 -8.54 28.87 5.91
N LEU D 12 -7.79 29.55 5.06
CA LEU D 12 -8.27 30.84 4.55
C LEU D 12 -9.51 30.65 3.71
N TRP D 13 -9.49 29.62 2.83
CA TRP D 13 -10.68 29.27 2.08
C TRP D 13 -11.86 28.96 2.98
N SER D 14 -11.59 28.38 4.15
CA SER D 14 -12.68 27.97 5.04
C SER D 14 -13.40 29.15 5.68
N ARG D 15 -12.85 30.36 5.55
CA ARG D 15 -13.54 31.55 6.01
C ARG D 15 -14.64 31.99 5.05
N VAL D 16 -14.54 31.62 3.78
CA VAL D 16 -15.59 31.99 2.82
C VAL D 16 -16.80 31.12 3.08
N THR D 17 -17.93 31.76 3.38
CA THR D 17 -19.09 31.08 3.95
C THR D 17 -20.35 31.45 3.18
N LYS D 18 -21.10 30.45 2.73
CA LYS D 18 -22.36 30.74 2.06
C LYS D 18 -23.24 31.59 2.98
N PHE D 19 -24.00 32.50 2.39
CA PHE D 19 -24.73 33.52 3.15
C PHE D 19 -25.70 34.27 2.25
N GLY D 20 -26.99 34.25 2.59
CA GLY D 20 -27.97 34.94 1.78
C GLY D 20 -27.88 34.51 0.33
N SER D 21 -28.04 35.46 -0.58
CA SER D 21 -27.86 35.15 -2.00
C SER D 21 -26.39 35.20 -2.44
N GLY D 22 -25.46 35.16 -1.48
CA GLY D 22 -24.06 35.28 -1.79
C GLY D 22 -23.18 34.57 -0.78
N TRP D 23 -22.14 35.26 -0.31
CA TRP D 23 -21.09 34.70 0.53
C TRP D 23 -20.72 35.72 1.58
N GLY D 24 -20.00 35.27 2.59
CA GLY D 24 -19.35 36.16 3.54
C GLY D 24 -18.04 35.54 3.97
N PHE D 25 -17.35 36.24 4.87
CA PHE D 25 -15.97 35.92 5.21
C PHE D 25 -15.75 36.13 6.70
N TRP D 26 -15.26 35.10 7.39
CA TRP D 26 -14.87 35.24 8.80
C TRP D 26 -13.49 35.90 8.88
N VAL D 27 -13.45 37.17 9.28
CA VAL D 27 -12.17 37.84 9.47
C VAL D 27 -11.50 37.34 10.75
N SER D 28 -12.28 36.91 11.72
CA SER D 28 -11.80 36.43 13.01
C SER D 28 -12.89 35.55 13.61
N PRO D 29 -12.69 34.97 14.81
CA PRO D 29 -13.75 34.15 15.42
C PRO D 29 -15.07 34.86 15.66
N THR D 30 -15.07 36.19 15.68
CA THR D 30 -16.23 36.98 16.07
C THR D 30 -16.70 37.95 14.99
N VAL D 31 -15.92 38.19 13.96
CA VAL D 31 -16.18 39.22 12.96
C VAL D 31 -16.45 38.55 11.61
N PHE D 32 -17.65 38.75 11.07
CA PHE D 32 -18.07 38.26 9.76
C PHE D 32 -18.39 39.46 8.88
N ILE D 33 -17.92 39.43 7.62
CA ILE D 33 -18.14 40.54 6.68
C ILE D 33 -18.75 40.00 5.39
N THR D 34 -19.60 40.81 4.78
CA THR D 34 -20.26 40.43 3.52
C THR D 34 -20.74 41.71 2.85
N THR D 35 -21.43 41.57 1.72
CA THR D 35 -21.98 42.69 0.96
C THR D 35 -23.44 42.88 1.33
N THR D 36 -23.84 44.14 1.56
CA THR D 36 -25.14 44.36 2.18
C THR D 36 -26.27 43.74 1.36
N HIS D 37 -26.25 43.91 0.04
CA HIS D 37 -27.39 43.50 -0.77
C HIS D 37 -27.59 42.00 -0.83
N VAL D 38 -26.61 41.20 -0.39
CA VAL D 38 -26.85 39.78 -0.26
C VAL D 38 -27.46 39.39 1.10
N VAL D 39 -27.41 40.27 2.10
CA VAL D 39 -27.95 39.97 3.42
C VAL D 39 -29.47 39.81 3.32
N PRO D 40 -30.05 38.71 3.79
CA PRO D 40 -31.50 38.58 3.73
C PRO D 40 -32.17 39.51 4.72
N THR D 41 -33.27 40.11 4.30
CA THR D 41 -33.96 41.10 5.11
C THR D 41 -35.10 40.45 5.89
N GLY D 42 -35.42 41.05 7.04
CA GLY D 42 -36.46 40.52 7.90
C GLY D 42 -36.05 39.27 8.64
N VAL D 43 -34.81 39.24 9.12
CA VAL D 43 -34.25 38.08 9.81
C VAL D 43 -34.02 38.44 11.27
N LYS D 44 -34.25 37.48 12.17
CA LYS D 44 -34.12 37.71 13.60
C LYS D 44 -32.90 37.04 14.22
N GLU D 45 -32.10 36.31 13.44
CA GLU D 45 -30.89 35.69 13.95
C GLU D 45 -29.88 35.54 12.82
N PHE D 46 -28.66 35.15 13.19
CA PHE D 46 -27.60 34.89 12.21
C PHE D 46 -26.68 33.82 12.77
N PHE D 47 -26.60 32.68 12.08
CA PHE D 47 -25.77 31.55 12.50
C PHE D 47 -26.21 31.04 13.87
N GLY D 48 -27.52 31.09 14.13
CA GLY D 48 -28.04 30.67 15.41
C GLY D 48 -27.72 31.63 16.53
N GLU D 49 -27.85 32.94 16.27
CA GLU D 49 -27.56 33.98 17.26
C GLU D 49 -28.58 35.11 17.07
N PRO D 50 -29.26 35.54 18.13
CA PRO D 50 -30.20 36.66 17.98
C PRO D 50 -29.50 37.97 17.75
N LEU D 51 -30.20 38.88 17.06
CA LEU D 51 -29.61 40.16 16.68
C LEU D 51 -29.23 41.00 17.89
N SER D 52 -29.96 40.85 19.00
CA SER D 52 -29.57 41.52 20.25
C SER D 52 -28.16 41.15 20.65
N SER D 53 -27.65 40.07 20.09
CA SER D 53 -26.30 39.59 20.49
C SER D 53 -25.26 39.95 19.44
N ILE D 54 -25.60 40.75 18.45
CA ILE D 54 -24.70 41.04 17.34
C ILE D 54 -24.64 42.55 17.12
N ALA D 55 -23.43 43.08 16.99
CA ALA D 55 -23.21 44.46 16.59
C ALA D 55 -23.05 44.49 15.07
N ILE D 56 -23.90 45.26 14.40
CA ILE D 56 -24.03 45.25 12.95
C ILE D 56 -23.77 46.65 12.44
N HIS D 57 -22.73 46.82 11.64
CA HIS D 57 -22.45 48.10 11.00
C HIS D 57 -22.46 47.91 9.48
N GLN D 58 -23.31 48.68 8.81
CA GLN D 58 -23.55 48.60 7.38
C GLN D 58 -23.38 49.99 6.78
N ALA D 59 -22.68 50.07 5.66
CA ALA D 59 -22.51 51.33 4.94
C ALA D 59 -21.78 51.07 3.63
N GLY D 60 -22.26 51.71 2.57
CA GLY D 60 -21.57 51.64 1.30
C GLY D 60 -21.54 50.27 0.69
N GLU D 61 -22.50 49.43 1.04
CA GLU D 61 -22.65 48.05 0.62
C GLU D 61 -21.67 47.11 1.31
N PHE D 62 -21.02 47.58 2.38
CA PHE D 62 -20.16 46.77 3.24
C PHE D 62 -20.90 46.53 4.56
N THR D 63 -21.04 45.27 4.94
CA THR D 63 -21.71 44.88 6.18
C THR D 63 -20.77 44.07 7.03
N GLN D 64 -20.73 44.37 8.33
CA GLN D 64 -19.85 43.69 9.26
C GLN D 64 -20.66 43.30 10.50
N PHE D 65 -20.67 42.01 10.82
CA PHE D 65 -21.28 41.51 12.05
C PHE D 65 -20.18 41.28 13.06
N ARG D 66 -20.39 41.74 14.29
CA ARG D 66 -19.53 41.43 15.43
C ARG D 66 -20.38 40.65 16.43
N PHE D 67 -20.01 39.41 16.68
CA PHE D 67 -20.77 38.53 17.56
C PHE D 67 -20.25 38.61 18.99
N SER D 68 -21.13 38.31 19.95
CA SER D 68 -20.76 38.21 21.35
C SER D 68 -20.14 36.87 21.72
N LYS D 69 -20.23 35.90 20.81
CA LYS D 69 -19.79 34.52 20.99
C LYS D 69 -18.66 34.24 20.00
N LYS D 70 -17.71 33.39 20.40
CA LYS D 70 -16.67 32.95 19.47
C LYS D 70 -17.29 31.93 18.52
N MET D 71 -17.51 32.35 17.27
CA MET D 71 -18.21 31.54 16.27
C MET D 71 -17.28 30.63 15.50
N ARG D 72 -16.05 31.07 15.28
CA ARG D 72 -15.05 30.27 14.59
C ARG D 72 -13.79 30.32 15.45
N PRO D 73 -13.83 29.74 16.65
CA PRO D 73 -12.65 29.78 17.53
C PRO D 73 -11.44 29.10 16.92
N ASP D 74 -11.61 28.38 15.81
CA ASP D 74 -10.49 27.75 15.12
C ASP D 74 -9.63 28.75 14.36
N LEU D 75 -10.12 29.95 14.11
CA LEU D 75 -9.45 30.87 13.23
C LEU D 75 -8.61 31.88 14.01
N THR D 76 -7.51 32.30 13.41
CA THR D 76 -6.84 33.50 13.88
C THR D 76 -7.54 34.73 13.30
N GLY D 77 -7.36 35.87 13.95
CA GLY D 77 -7.88 37.12 13.42
C GLY D 77 -6.92 37.68 12.39
N MET D 78 -7.45 38.08 11.24
CA MET D 78 -6.63 38.74 10.25
C MET D 78 -6.97 40.23 10.22
N VAL D 79 -6.10 41.00 9.62
CA VAL D 79 -6.33 42.44 9.54
C VAL D 79 -7.32 42.71 8.41
N LEU D 80 -8.29 43.57 8.68
CA LEU D 80 -9.20 44.11 7.67
C LEU D 80 -8.82 45.55 7.42
N GLU D 81 -8.61 45.90 6.16
CA GLU D 81 -8.22 47.25 5.76
C GLU D 81 -9.32 47.91 4.94
N GLU D 82 -9.29 49.25 4.94
CA GLU D 82 -10.19 50.03 4.10
C GLU D 82 -9.61 50.01 2.69
N GLY D 83 -9.90 48.94 1.95
CA GLY D 83 -9.31 48.77 0.65
C GLY D 83 -7.82 48.48 0.76
N CYS D 84 -7.16 48.58 -0.37
CA CYS D 84 -5.72 48.32 -0.45
C CYS D 84 -5.06 49.33 -1.36
N PRO D 85 -3.73 49.45 -1.27
CA PRO D 85 -3.04 50.48 -2.07
C PRO D 85 -3.27 50.28 -3.56
N GLU D 86 -3.45 51.38 -4.27
CA GLU D 86 -3.61 51.33 -5.71
C GLU D 86 -2.54 50.44 -6.33
N GLY D 87 -2.96 49.58 -7.25
CA GLY D 87 -2.03 48.72 -7.95
C GLY D 87 -1.68 47.44 -7.24
N THR D 88 -2.14 47.25 -6.02
CA THR D 88 -1.97 45.96 -5.34
C THR D 88 -2.70 44.88 -6.13
N VAL D 89 -2.04 43.75 -6.31
CA VAL D 89 -2.70 42.57 -6.87
C VAL D 89 -3.30 41.79 -5.71
N CYS D 90 -4.61 41.61 -5.74
CA CYS D 90 -5.29 40.78 -4.76
C CYS D 90 -5.83 39.52 -5.43
N SER D 91 -6.33 38.60 -4.60
CA SER D 91 -7.13 37.48 -5.10
C SER D 91 -8.55 37.63 -4.58
N VAL D 92 -9.51 37.36 -5.46
CA VAL D 92 -10.91 37.23 -5.07
C VAL D 92 -11.17 35.74 -4.82
N LEU D 93 -11.43 35.39 -3.55
CA LEU D 93 -11.70 34.02 -3.12
C LEU D 93 -13.13 33.65 -3.42
N ILE D 94 -13.34 33.28 -4.68
CA ILE D 94 -14.69 32.94 -5.13
C ILE D 94 -14.98 31.47 -4.85
N LYS D 95 -16.05 31.22 -4.12
CA LYS D 95 -16.63 29.88 -4.01
C LYS D 95 -17.91 29.86 -4.82
N ARG D 96 -18.11 28.81 -5.61
CA ARG D 96 -19.36 28.61 -6.30
C ARG D 96 -20.13 27.48 -5.63
N ASP D 97 -21.44 27.45 -5.90
CA ASP D 97 -22.31 26.46 -5.26
C ASP D 97 -21.82 25.05 -5.48
N SER D 98 -21.08 24.81 -6.58
CA SER D 98 -20.56 23.47 -6.87
C SER D 98 -19.66 22.93 -5.76
N GLY D 99 -19.08 23.79 -4.95
CA GLY D 99 -17.88 23.45 -4.22
C GLY D 99 -16.63 23.96 -4.88
N GLU D 100 -16.71 24.34 -6.16
CA GLU D 100 -15.53 24.80 -6.88
C GLU D 100 -14.94 26.04 -6.22
N LEU D 101 -13.61 26.11 -6.23
CA LEU D 101 -12.89 27.27 -5.73
C LEU D 101 -12.27 28.01 -6.91
N LEU D 102 -12.46 29.31 -6.98
CA LEU D 102 -11.93 30.06 -8.12
C LEU D 102 -11.28 31.36 -7.66
N PRO D 103 -10.01 31.30 -7.27
CA PRO D 103 -9.29 32.55 -6.95
C PRO D 103 -8.99 33.31 -8.24
N LEU D 104 -9.41 34.57 -8.29
CA LEU D 104 -9.17 35.42 -9.44
C LEU D 104 -8.29 36.58 -9.03
N ALA D 105 -7.15 36.72 -9.72
CA ALA D 105 -6.25 37.83 -9.47
C ALA D 105 -6.84 39.11 -10.07
N VAL D 106 -6.71 40.21 -9.31
CA VAL D 106 -7.22 41.52 -9.69
C VAL D 106 -6.14 42.55 -9.40
N ARG D 107 -5.92 43.45 -10.36
CA ARG D 107 -5.05 44.61 -10.14
C ARG D 107 -5.95 45.74 -9.65
N MET D 108 -5.79 46.11 -8.38
CA MET D 108 -6.69 47.09 -7.77
C MET D 108 -6.43 48.50 -8.29
N GLY D 109 -7.50 49.28 -8.42
CA GLY D 109 -7.41 50.68 -8.77
C GLY D 109 -7.73 51.58 -7.60
N ALA D 110 -8.54 52.61 -7.82
CA ALA D 110 -8.75 53.67 -6.83
C ALA D 110 -10.03 53.43 -6.04
N ILE D 111 -10.00 53.78 -4.76
CA ILE D 111 -11.21 53.79 -3.95
C ILE D 111 -12.07 54.98 -4.38
N ALA D 112 -13.36 54.73 -4.55
CA ALA D 112 -14.25 55.79 -4.99
C ALA D 112 -15.69 55.38 -4.70
N SER D 113 -16.52 56.36 -4.38
CA SER D 113 -17.94 56.14 -4.20
C SER D 113 -18.61 56.01 -5.56
N MET D 114 -19.55 55.08 -5.65
CA MET D 114 -20.20 54.74 -6.91
C MET D 114 -21.64 54.35 -6.63
N ARG D 115 -22.54 54.72 -7.53
CA ARG D 115 -23.94 54.31 -7.45
C ARG D 115 -24.12 53.16 -8.43
N ILE D 116 -24.36 51.98 -7.90
CA ILE D 116 -24.51 50.78 -8.75
C ILE D 116 -25.94 50.32 -8.58
N GLN D 117 -26.71 50.43 -9.65
CA GLN D 117 -28.14 50.05 -9.65
C GLN D 117 -28.87 50.68 -8.47
N GLY D 118 -28.67 51.98 -8.25
CA GLY D 118 -29.36 52.68 -7.16
C GLY D 118 -28.63 52.69 -5.84
N ARG D 119 -27.88 51.63 -5.52
CA ARG D 119 -27.23 51.54 -4.23
C ARG D 119 -25.89 52.28 -4.25
N LEU D 120 -25.65 53.04 -3.19
CA LEU D 120 -24.38 53.75 -3.05
C LEU D 120 -23.32 52.76 -2.58
N VAL D 121 -22.23 52.65 -3.35
CA VAL D 121 -21.16 51.70 -3.03
C VAL D 121 -19.90 52.49 -2.71
N HIS D 122 -19.33 52.25 -1.53
CA HIS D 122 -17.99 52.71 -1.20
C HIS D 122 -17.02 51.64 -1.71
N GLY D 123 -16.69 51.74 -3.00
CA GLY D 123 -16.03 50.68 -3.72
C GLY D 123 -14.59 50.97 -4.07
N GLN D 124 -13.92 49.92 -4.54
CA GLN D 124 -12.61 50.05 -5.15
C GLN D 124 -12.57 49.15 -6.37
N SER D 125 -12.05 49.69 -7.45
CA SER D 125 -12.01 49.01 -8.74
C SER D 125 -10.83 48.04 -8.81
N GLY D 126 -10.97 47.08 -9.70
CA GLY D 126 -9.85 46.21 -10.02
C GLY D 126 -10.05 45.66 -11.42
N MET D 127 -8.93 45.44 -12.10
CA MET D 127 -8.95 44.83 -13.41
C MET D 127 -8.60 43.36 -13.24
N LEU D 128 -9.46 42.48 -13.75
CA LEU D 128 -9.16 41.06 -13.76
C LEU D 128 -7.97 40.78 -14.67
N LEU D 129 -7.04 39.96 -14.20
CA LEU D 129 -5.89 39.56 -14.98
C LEU D 129 -5.96 38.06 -15.28
N ASP D 138 -11.27 32.93 -20.50
CA ASP D 138 -11.69 34.06 -19.68
C ASP D 138 -12.54 33.55 -18.53
N LEU D 139 -12.24 34.04 -17.32
CA LEU D 139 -12.88 33.57 -16.10
C LEU D 139 -13.36 34.79 -15.34
N GLY D 140 -14.68 34.95 -15.25
CA GLY D 140 -15.29 36.12 -14.66
C GLY D 140 -16.12 35.78 -13.42
N THR D 141 -16.56 36.83 -12.76
CA THR D 141 -17.52 36.74 -11.69
C THR D 141 -18.93 36.72 -12.26
N ILE D 142 -19.86 36.18 -11.47
CA ILE D 142 -21.22 35.98 -11.93
C ILE D 142 -22.20 36.37 -10.82
N PRO D 143 -23.49 36.40 -11.10
CA PRO D 143 -24.48 36.65 -10.03
C PRO D 143 -24.45 35.51 -9.02
N GLY D 144 -24.24 35.86 -7.76
CA GLY D 144 -24.08 34.86 -6.71
C GLY D 144 -22.71 34.87 -6.09
N ASP D 145 -21.76 35.60 -6.67
CA ASP D 145 -20.42 35.70 -6.13
C ASP D 145 -20.25 36.85 -5.15
N CYS D 146 -21.26 37.68 -4.91
CA CYS D 146 -21.06 38.84 -4.06
C CYS D 146 -20.84 38.38 -2.62
N GLY D 147 -19.98 39.11 -1.91
CA GLY D 147 -19.54 38.72 -0.60
C GLY D 147 -18.21 37.99 -0.57
N ALA D 148 -17.72 37.53 -1.72
CA ALA D 148 -16.42 36.87 -1.73
C ALA D 148 -15.32 37.86 -1.34
N PRO D 149 -14.40 37.45 -0.48
CA PRO D 149 -13.39 38.41 0.01
C PRO D 149 -12.31 38.70 -1.02
N TYR D 150 -11.80 39.93 -0.94
CA TYR D 150 -10.61 40.36 -1.67
C TYR D 150 -9.43 40.36 -0.70
N VAL D 151 -8.38 39.60 -1.02
CA VAL D 151 -7.28 39.36 -0.09
C VAL D 151 -5.96 39.53 -0.82
N HIS D 152 -4.92 39.78 -0.04
CA HIS D 152 -3.55 39.88 -0.55
C HIS D 152 -2.61 39.60 0.61
N LYS D 153 -1.45 39.05 0.30
CA LYS D 153 -0.52 38.59 1.32
C LYS D 153 0.54 39.67 1.58
N ARG D 154 0.66 40.08 2.83
CA ARG D 154 1.68 41.03 3.29
C ARG D 154 2.57 40.28 4.26
N GLY D 155 3.82 40.05 3.87
CA GLY D 155 4.68 39.20 4.66
C GLY D 155 4.09 37.80 4.76
N ASN D 156 4.20 37.21 5.95
CA ASN D 156 3.63 35.90 6.23
C ASN D 156 2.21 35.97 6.78
N ASP D 157 1.44 36.98 6.39
CA ASP D 157 0.07 37.14 6.83
C ASP D 157 -0.80 37.52 5.63
N TRP D 158 -2.02 36.99 5.62
CA TRP D 158 -3.03 37.43 4.65
C TRP D 158 -3.84 38.57 5.25
N VAL D 159 -4.25 39.48 4.37
CA VAL D 159 -5.03 40.65 4.75
C VAL D 159 -6.25 40.71 3.86
N VAL D 160 -7.39 41.05 4.45
CA VAL D 160 -8.64 41.21 3.71
C VAL D 160 -8.93 42.70 3.60
N CYS D 161 -9.41 43.13 2.42
CA CYS D 161 -9.64 44.55 2.18
C CYS D 161 -10.96 44.87 1.52
N GLY D 162 -11.71 43.88 1.04
CA GLY D 162 -13.03 44.16 0.52
C GLY D 162 -13.82 42.89 0.29
N VAL D 163 -15.06 43.08 -0.15
CA VAL D 163 -15.98 41.99 -0.44
C VAL D 163 -16.54 42.26 -1.83
N HIS D 164 -16.76 41.20 -2.60
CA HIS D 164 -17.13 41.39 -3.99
C HIS D 164 -18.51 42.00 -4.10
N ALA D 165 -18.65 43.04 -4.94
CA ALA D 165 -19.91 43.75 -4.99
C ALA D 165 -20.49 43.93 -6.39
N ALA D 166 -19.65 44.00 -7.41
CA ALA D 166 -20.16 44.31 -8.75
C ALA D 166 -19.08 44.06 -9.80
N ALA D 167 -19.52 44.06 -11.07
CA ALA D 167 -18.62 44.02 -12.22
C ALA D 167 -19.24 44.81 -13.37
N THR D 168 -18.39 45.31 -14.28
CA THR D 168 -18.89 46.00 -15.46
C THR D 168 -19.52 45.00 -16.43
N LYS D 169 -20.36 45.52 -17.35
CA LYS D 169 -20.95 44.63 -18.35
C LYS D 169 -19.86 43.84 -19.07
N SER D 170 -18.73 44.48 -19.35
CA SER D 170 -17.57 43.79 -19.90
C SER D 170 -17.19 42.56 -19.07
N GLY D 171 -17.18 42.72 -17.75
CA GLY D 171 -16.68 41.72 -16.84
C GLY D 171 -15.22 41.88 -16.47
N ASN D 172 -14.49 42.77 -17.14
CA ASN D 172 -13.04 42.83 -16.99
C ASN D 172 -12.62 43.70 -15.81
N THR D 173 -13.48 44.58 -15.34
CA THR D 173 -13.25 45.29 -14.10
C THR D 173 -14.27 44.83 -13.07
N VAL D 174 -13.78 44.56 -11.86
CA VAL D 174 -14.61 44.16 -10.74
C VAL D 174 -14.58 45.30 -9.73
N VAL D 175 -15.58 45.32 -8.85
CA VAL D 175 -15.66 46.28 -7.76
C VAL D 175 -15.94 45.53 -6.46
N CYS D 176 -15.11 45.75 -5.45
CA CYS D 176 -15.39 45.32 -4.09
C CYS D 176 -15.84 46.51 -3.26
N ALA D 177 -16.77 46.27 -2.33
CA ALA D 177 -17.11 47.26 -1.32
C ALA D 177 -16.06 47.22 -0.22
N VAL D 178 -15.68 48.39 0.29
CA VAL D 178 -14.64 48.50 1.31
C VAL D 178 -15.25 49.19 2.52
N GLN D 179 -14.62 48.98 3.67
CA GLN D 179 -15.11 49.51 4.94
C GLN D 179 -14.49 50.89 5.18
N ALA D 180 -15.33 51.90 5.36
CA ALA D 180 -14.88 53.27 5.60
C ALA D 180 -14.30 53.41 7.00
#